data_8A1J
#
_entry.id   8A1J
#
_cell.length_a   61.190
_cell.length_b   94.010
_cell.length_c   75.280
_cell.angle_alpha   90.000
_cell.angle_beta   92.610
_cell.angle_gamma   90.000
#
_symmetry.space_group_name_H-M   'P 1 21 1'
#
loop_
_entity.id
_entity.type
_entity.pdbx_description
1 polymer 'L,D-transpeptidase 2'
2 non-polymer 'DIMETHYL SULFOXIDE'
3 non-polymer 1,2-ETHANEDIOL
4 non-polymer 1-phenylpyrrolidine-2,5-dione
5 water water
#
_entity_poly.entity_id   1
_entity_poly.type   'polypeptide(L)'
_entity_poly.pdbx_seq_one_letter_code
;QSDLLVPKLTASVTDGAVGVTVDAPVSVTAADGVLAAVTMVNDNGRPVAGRLSPDGLRWSTTEQLGYNRRYTLNATALGL
GGAATRQLTFQTSSPAHLTMPYVMPGDGEVVGVGEPVAIRFDENIADRGAAEKAIKITTNPPVEGAFYWLNNREVRWRPE
HFWKPGTAVDVAVNTYGVDLGEGMFGEDNVQTHFTIGDEVIATADDNTKILTVRVNGEVVKSMPTSMGKDSTPTANGIYI
VGSRYKHIIMDSSTYGVPVNSPNGYRTDVDWATQISYSGVFVHSAPWSVGAQGHTNTSHGCLNVSPSNAQWFYDHVKRGD
IVEVVNTVGGTLPGIDGLGDWNIPWDQWRAGNAKA
;
_entity_poly.pdbx_strand_id   A,B
#
loop_
_chem_comp.id
_chem_comp.type
_chem_comp.name
_chem_comp.formula
DMS non-polymer 'DIMETHYL SULFOXIDE' 'C2 H6 O S'
EDO non-polymer 1,2-ETHANEDIOL 'C2 H6 O2'
KSU non-polymer 1-phenylpyrrolidine-2,5-dione 'C10 H9 N O2'
#
# COMPACT_ATOMS: atom_id res chain seq x y z
N ASP A 3 12.19 8.67 -39.55
CA ASP A 3 12.11 7.32 -40.10
C ASP A 3 11.59 6.34 -39.05
N LEU A 4 11.60 5.06 -39.39
CA LEU A 4 11.10 4.03 -38.48
C LEU A 4 11.84 4.08 -37.15
N LEU A 5 11.14 3.72 -36.08
CA LEU A 5 11.65 3.82 -34.72
C LEU A 5 12.05 2.45 -34.21
N VAL A 6 13.11 2.41 -33.41
CA VAL A 6 13.64 1.13 -32.92
C VAL A 6 12.72 0.58 -31.85
N PRO A 7 12.30 -0.68 -31.92
CA PRO A 7 11.41 -1.23 -30.89
C PRO A 7 12.01 -1.11 -29.50
N LYS A 8 11.12 -0.94 -28.51
CA LYS A 8 11.49 -0.89 -27.11
C LYS A 8 10.76 -2.00 -26.35
N LEU A 9 11.41 -2.64 -25.39
CA LEU A 9 10.82 -3.73 -24.59
C LEU A 9 10.72 -3.27 -23.15
N THR A 10 9.79 -3.84 -22.40
CA THR A 10 9.60 -3.51 -20.98
C THR A 10 9.26 -4.78 -20.22
N ALA A 11 9.96 -5.12 -19.16
CA ALA A 11 9.60 -6.27 -18.35
C ALA A 11 9.12 -5.80 -16.98
N SER A 12 8.28 -6.57 -16.32
CA SER A 12 7.84 -6.38 -14.93
C SER A 12 8.90 -6.83 -13.93
N VAL A 13 10.05 -7.30 -14.39
CA VAL A 13 11.18 -7.64 -13.54
C VAL A 13 12.38 -6.84 -14.03
N THR A 14 13.36 -6.68 -13.15
CA THR A 14 14.60 -5.99 -13.48
C THR A 14 15.74 -7.00 -13.54
N ASP A 15 16.59 -6.85 -14.55
CA ASP A 15 17.77 -7.70 -14.65
C ASP A 15 18.63 -7.54 -13.40
N GLY A 16 19.01 -8.66 -12.79
CA GLY A 16 19.81 -8.62 -11.58
C GLY A 16 19.04 -8.41 -10.31
N ALA A 17 17.72 -8.54 -10.33
CA ALA A 17 16.92 -8.37 -9.12
C ALA A 17 16.97 -9.62 -8.26
N VAL A 18 17.08 -9.41 -6.94
CA VAL A 18 17.10 -10.48 -5.96
C VAL A 18 15.93 -10.27 -4.99
N GLY A 19 15.24 -11.35 -4.66
CA GLY A 19 14.11 -11.26 -3.76
C GLY A 19 12.83 -10.79 -4.41
N VAL A 20 12.58 -11.22 -5.63
CA VAL A 20 11.35 -10.84 -6.34
C VAL A 20 10.20 -11.70 -5.84
N THR A 21 9.08 -11.05 -5.53
CA THR A 21 7.91 -11.73 -5.01
C THR A 21 7.16 -12.45 -6.12
N VAL A 22 6.55 -13.58 -5.75
CA VAL A 22 5.87 -14.44 -6.70
C VAL A 22 4.36 -14.31 -6.59
N ASP A 23 3.87 -13.19 -6.04
CA ASP A 23 2.44 -12.97 -5.87
C ASP A 23 1.78 -12.36 -7.11
N ALA A 24 2.53 -12.14 -8.18
CA ALA A 24 1.99 -11.54 -9.39
C ALA A 24 2.67 -12.16 -10.60
N PRO A 25 2.07 -12.05 -11.78
CA PRO A 25 2.71 -12.57 -12.99
C PRO A 25 3.86 -11.69 -13.47
N VAL A 26 4.81 -12.34 -14.12
CA VAL A 26 5.91 -11.64 -14.80
C VAL A 26 5.47 -11.38 -16.24
N SER A 27 5.70 -10.16 -16.72
CA SER A 27 5.19 -9.75 -18.02
C SER A 27 6.24 -8.98 -18.80
N VAL A 28 6.14 -9.07 -20.12
CA VAL A 28 6.98 -8.35 -21.06
C VAL A 28 6.08 -7.65 -22.06
N THR A 29 6.30 -6.35 -22.26
CA THR A 29 5.52 -5.56 -23.21
C THR A 29 6.45 -4.91 -24.21
N ALA A 30 6.00 -4.82 -25.46
CA ALA A 30 6.79 -4.27 -26.55
C ALA A 30 6.23 -2.92 -26.99
N ALA A 31 7.11 -2.10 -27.56
CA ALA A 31 6.75 -0.78 -28.06
C ALA A 31 7.39 -0.57 -29.42
N ASP A 32 6.69 0.17 -30.29
CA ASP A 32 7.18 0.46 -31.63
C ASP A 32 7.46 -0.82 -32.39
N GLY A 33 6.63 -1.83 -32.16
CA GLY A 33 6.82 -3.13 -32.78
C GLY A 33 6.00 -4.17 -32.04
N VAL A 34 6.32 -5.42 -32.32
CA VAL A 34 5.62 -6.57 -31.73
C VAL A 34 6.66 -7.52 -31.13
N LEU A 35 6.16 -8.47 -30.35
CA LEU A 35 7.01 -9.50 -29.76
C LEU A 35 7.09 -10.70 -30.70
N ALA A 36 8.32 -11.03 -31.12
CA ALA A 36 8.53 -12.16 -32.01
C ALA A 36 8.82 -13.45 -31.25
N ALA A 37 9.43 -13.36 -30.07
CA ALA A 37 9.77 -14.54 -29.30
C ALA A 37 9.97 -14.13 -27.85
N VAL A 38 9.44 -14.95 -26.94
CA VAL A 38 9.63 -14.76 -25.51
C VAL A 38 9.75 -16.13 -24.87
N THR A 39 10.74 -16.29 -23.98
CA THR A 39 10.93 -17.53 -23.25
C THR A 39 11.40 -17.21 -21.84
N MET A 40 10.88 -17.96 -20.87
CA MET A 40 11.28 -17.85 -19.48
C MET A 40 11.55 -19.26 -18.95
N VAL A 41 12.66 -19.42 -18.23
CA VAL A 41 13.09 -20.72 -17.76
C VAL A 41 13.69 -20.61 -16.37
N ASN A 42 13.66 -21.73 -15.66
CA ASN A 42 14.34 -21.86 -14.37
C ASN A 42 15.80 -22.23 -14.59
N ASP A 43 16.54 -22.42 -13.50
CA ASP A 43 17.93 -22.84 -13.61
C ASP A 43 18.06 -24.12 -14.42
N ASN A 44 17.16 -25.09 -14.17
CA ASN A 44 17.26 -26.39 -14.81
C ASN A 44 16.88 -26.36 -16.29
N GLY A 45 16.32 -25.27 -16.78
CA GLY A 45 16.03 -25.13 -18.19
C GLY A 45 14.62 -25.50 -18.62
N ARG A 46 13.73 -25.81 -17.68
CA ARG A 46 12.36 -26.18 -18.04
C ARG A 46 11.57 -24.93 -18.45
N PRO A 47 10.80 -25.01 -19.53
CA PRO A 47 10.06 -23.82 -19.96
C PRO A 47 8.94 -23.48 -18.99
N VAL A 48 8.82 -22.19 -18.70
CA VAL A 48 7.76 -21.68 -17.84
C VAL A 48 6.62 -21.23 -18.73
N ALA A 49 5.42 -21.76 -18.46
CA ALA A 49 4.28 -21.48 -19.30
C ALA A 49 4.02 -19.98 -19.40
N GLY A 50 3.59 -19.54 -20.58
CA GLY A 50 3.29 -18.14 -20.80
C GLY A 50 2.36 -17.97 -21.98
N ARG A 51 1.65 -16.85 -21.98
CA ARG A 51 0.69 -16.52 -23.02
C ARG A 51 1.05 -15.19 -23.64
N LEU A 52 0.85 -15.09 -24.96
CA LEU A 52 1.10 -13.87 -25.72
C LEU A 52 -0.23 -13.33 -26.25
N SER A 53 -0.44 -12.03 -26.10
CA SER A 53 -1.68 -11.43 -26.56
C SER A 53 -1.78 -11.52 -28.08
N PRO A 54 -3.00 -11.66 -28.62
CA PRO A 54 -3.14 -11.75 -30.08
C PRO A 54 -2.49 -10.60 -30.82
N ASP A 55 -2.46 -9.40 -30.24
CA ASP A 55 -1.81 -8.25 -30.88
C ASP A 55 -0.29 -8.33 -30.80
N GLY A 56 0.26 -9.27 -30.05
CA GLY A 56 1.70 -9.40 -29.94
C GLY A 56 2.38 -8.38 -29.07
N LEU A 57 1.63 -7.55 -28.37
CA LEU A 57 2.21 -6.48 -27.55
C LEU A 57 2.53 -6.94 -26.13
N ARG A 58 1.71 -7.80 -25.55
CA ARG A 58 1.82 -8.17 -24.15
C ARG A 58 2.01 -9.67 -24.02
N TRP A 59 2.93 -10.07 -23.14
CA TRP A 59 3.19 -11.48 -22.83
C TRP A 59 3.31 -11.62 -21.33
N SER A 60 2.61 -12.61 -20.76
CA SER A 60 2.59 -12.79 -19.32
C SER A 60 2.65 -14.26 -18.98
N THR A 61 3.20 -14.56 -17.80
CA THR A 61 3.28 -15.93 -17.33
C THR A 61 1.90 -16.43 -16.93
N THR A 62 1.61 -17.68 -17.29
CA THR A 62 0.30 -18.28 -17.07
C THR A 62 0.26 -19.24 -15.90
N GLU A 63 1.36 -19.40 -15.17
CA GLU A 63 1.40 -20.29 -14.03
C GLU A 63 2.17 -19.63 -12.89
N GLN A 64 2.11 -20.26 -11.72
CA GLN A 64 2.83 -19.74 -10.56
C GLN A 64 4.34 -19.88 -10.75
N LEU A 65 5.09 -19.08 -10.00
CA LEU A 65 6.54 -19.13 -9.99
C LEU A 65 7.01 -19.62 -8.63
N GLY A 66 8.07 -20.41 -8.62
CA GLY A 66 8.54 -21.03 -7.40
C GLY A 66 9.45 -20.12 -6.58
N TYR A 67 9.66 -20.54 -5.33
CA TYR A 67 10.58 -19.86 -4.44
C TYR A 67 12.00 -20.37 -4.67
N ASN A 68 12.97 -19.55 -4.25
CA ASN A 68 14.38 -19.92 -4.36
C ASN A 68 14.76 -20.31 -5.78
N ARG A 69 14.17 -19.63 -6.75
CA ARG A 69 14.43 -19.89 -8.16
C ARG A 69 15.31 -18.80 -8.75
N ARG A 70 16.06 -19.19 -9.79
CA ARG A 70 16.81 -18.25 -10.63
C ARG A 70 16.22 -18.35 -12.02
N TYR A 71 15.46 -17.33 -12.41
CA TYR A 71 14.74 -17.33 -13.68
C TYR A 71 15.48 -16.48 -14.71
N THR A 72 15.40 -16.92 -15.97
CA THR A 72 16.05 -16.21 -17.09
C THR A 72 15.00 -15.93 -18.15
N LEU A 73 14.84 -14.66 -18.49
CA LEU A 73 13.81 -14.22 -19.43
C LEU A 73 14.49 -13.70 -20.69
N ASN A 74 14.11 -14.26 -21.84
CA ASN A 74 14.64 -13.86 -23.13
C ASN A 74 13.49 -13.36 -23.99
N ALA A 75 13.63 -12.15 -24.53
CA ALA A 75 12.60 -11.53 -25.34
C ALA A 75 13.21 -10.90 -26.57
N THR A 76 12.47 -10.97 -27.68
CA THR A 76 12.89 -10.37 -28.95
C THR A 76 11.72 -9.60 -29.53
N ALA A 77 11.96 -8.33 -29.86
CA ALA A 77 10.96 -7.48 -30.48
C ALA A 77 11.38 -7.15 -31.91
N LEU A 78 10.41 -7.21 -32.83
CA LEU A 78 10.64 -6.87 -34.23
C LEU A 78 9.67 -5.78 -34.65
N GLY A 79 10.09 -4.96 -35.60
CA GLY A 79 9.25 -3.90 -36.12
C GLY A 79 9.78 -3.41 -37.45
N LEU A 80 9.08 -2.44 -38.03
CA LEU A 80 9.57 -1.81 -39.24
C LEU A 80 10.88 -1.07 -39.00
N GLY A 81 11.11 -0.62 -37.77
CA GLY A 81 12.29 0.14 -37.43
C GLY A 81 13.43 -0.66 -36.81
N GLY A 82 13.37 -2.00 -36.93
CA GLY A 82 14.46 -2.82 -36.49
C GLY A 82 14.04 -3.86 -35.47
N ALA A 83 15.02 -4.46 -34.81
CA ALA A 83 14.81 -5.51 -33.85
C ALA A 83 15.51 -5.16 -32.54
N ALA A 84 15.10 -5.81 -31.46
CA ALA A 84 15.69 -5.62 -30.15
C ALA A 84 15.60 -6.93 -29.38
N THR A 85 16.69 -7.32 -28.73
CA THR A 85 16.75 -8.54 -27.94
C THR A 85 17.29 -8.22 -26.55
N ARG A 86 16.60 -8.70 -25.53
CA ARG A 86 17.00 -8.51 -24.15
C ARG A 86 17.02 -9.85 -23.43
N GLN A 87 17.90 -9.96 -22.43
CA GLN A 87 17.97 -11.12 -21.56
C GLN A 87 18.03 -10.64 -20.13
N LEU A 88 17.18 -11.22 -19.27
CA LEU A 88 17.06 -10.81 -17.89
C LEU A 88 17.17 -12.02 -16.98
N THR A 89 17.58 -11.78 -15.74
CA THR A 89 17.70 -12.85 -14.75
C THR A 89 17.43 -12.27 -13.38
N PHE A 90 16.44 -12.84 -12.68
CA PHE A 90 16.08 -12.41 -11.34
C PHE A 90 15.94 -13.64 -10.46
N GLN A 91 16.16 -13.43 -9.16
CA GLN A 91 16.06 -14.48 -8.14
C GLN A 91 14.84 -14.21 -7.29
N THR A 92 13.96 -15.21 -7.18
CA THR A 92 12.71 -15.05 -6.45
C THR A 92 12.93 -15.26 -4.96
N SER A 93 11.88 -14.99 -4.18
CA SER A 93 12.01 -14.91 -2.73
C SER A 93 12.47 -16.22 -2.13
N SER A 94 13.15 -16.10 -0.98
CA SER A 94 13.68 -17.24 -0.23
C SER A 94 13.06 -17.20 1.16
N PRO A 95 11.88 -17.78 1.34
CA PRO A 95 11.22 -17.70 2.64
C PRO A 95 11.97 -18.51 3.69
N ALA A 96 12.07 -17.93 4.89
CA ALA A 96 12.57 -18.69 6.03
C ALA A 96 11.60 -19.77 6.48
N HIS A 97 10.32 -19.61 6.17
CA HIS A 97 9.30 -20.58 6.54
C HIS A 97 8.08 -20.30 5.69
N LEU A 98 7.25 -21.32 5.50
CA LEU A 98 5.99 -21.18 4.79
C LEU A 98 4.84 -21.38 5.76
N THR A 99 3.65 -20.94 5.34
CA THR A 99 2.43 -21.12 6.13
C THR A 99 1.24 -21.22 5.20
N MET A 100 0.42 -22.25 5.40
CA MET A 100 -0.76 -22.49 4.59
C MET A 100 -1.99 -21.93 5.29
N PRO A 101 -2.87 -21.22 4.57
CA PRO A 101 -4.10 -20.72 5.20
C PRO A 101 -5.21 -21.76 5.18
N TYR A 102 -6.14 -21.58 6.11
CA TYR A 102 -7.32 -22.43 6.20
C TYR A 102 -8.52 -21.53 6.42
N VAL A 103 -9.49 -21.59 5.51
CA VAL A 103 -10.65 -20.71 5.52
C VAL A 103 -11.90 -21.50 5.88
N MET A 104 -12.78 -20.88 6.66
CA MET A 104 -14.10 -21.39 6.95
C MET A 104 -15.08 -20.22 6.95
N PRO A 105 -16.36 -20.47 6.62
CA PRO A 105 -16.94 -21.78 6.31
C PRO A 105 -16.55 -22.32 4.94
N GLY A 106 -16.89 -23.57 4.68
CA GLY A 106 -16.49 -24.22 3.45
C GLY A 106 -17.16 -23.60 2.23
N ASP A 107 -16.53 -23.83 1.07
CA ASP A 107 -17.03 -23.29 -0.17
C ASP A 107 -18.41 -23.87 -0.49
N GLY A 108 -19.36 -22.97 -0.79
CA GLY A 108 -20.70 -23.38 -1.15
C GLY A 108 -21.67 -23.53 0.01
N GLU A 109 -21.18 -23.49 1.25
CA GLU A 109 -22.07 -23.67 2.39
C GLU A 109 -23.12 -22.56 2.44
N VAL A 110 -24.18 -22.84 3.20
CA VAL A 110 -25.15 -21.85 3.63
C VAL A 110 -25.12 -21.81 5.14
N VAL A 111 -24.84 -20.63 5.71
CA VAL A 111 -24.63 -20.49 7.14
C VAL A 111 -25.55 -19.41 7.68
N GLY A 112 -25.65 -19.36 9.01
CA GLY A 112 -26.53 -18.42 9.67
C GLY A 112 -25.99 -16.99 9.65
N VAL A 113 -26.79 -16.10 10.26
CA VAL A 113 -26.52 -14.66 10.19
C VAL A 113 -25.40 -14.23 11.09
N GLY A 114 -24.82 -15.16 11.84
CA GLY A 114 -23.73 -14.87 12.74
C GLY A 114 -22.40 -15.50 12.39
N GLU A 115 -22.26 -16.09 11.21
CA GLU A 115 -21.01 -16.75 10.83
C GLU A 115 -19.99 -15.73 10.39
N PRO A 116 -18.86 -15.58 11.08
CA PRO A 116 -17.81 -14.67 10.62
C PRO A 116 -16.86 -15.38 9.68
N VAL A 117 -16.31 -14.61 8.74
CA VAL A 117 -15.27 -15.14 7.87
C VAL A 117 -14.02 -15.40 8.71
N ALA A 118 -13.47 -16.60 8.60
CA ALA A 118 -12.33 -17.02 9.41
C ALA A 118 -11.19 -17.47 8.51
N ILE A 119 -10.01 -16.89 8.72
CA ILE A 119 -8.79 -17.29 8.05
C ILE A 119 -7.80 -17.72 9.12
N ARG A 120 -7.42 -19.00 9.11
CA ARG A 120 -6.50 -19.56 10.09
C ARG A 120 -5.22 -20.00 9.42
N PHE A 121 -4.08 -19.56 9.96
CA PHE A 121 -2.77 -19.97 9.49
C PHE A 121 -2.18 -20.99 10.46
N ASP A 122 -1.35 -21.89 9.92
CA ASP A 122 -0.69 -22.92 10.71
C ASP A 122 0.65 -22.45 11.29
N GLU A 123 0.88 -21.14 11.29
CA GLU A 123 2.06 -20.56 11.93
C GLU A 123 1.67 -19.21 12.52
N ASN A 124 2.46 -18.73 13.47
CA ASN A 124 2.24 -17.40 14.01
C ASN A 124 2.54 -16.35 12.95
N ILE A 125 1.70 -15.32 12.89
CA ILE A 125 1.81 -14.25 11.91
C ILE A 125 2.40 -13.03 12.60
N ALA A 126 3.51 -12.52 12.07
CA ALA A 126 4.19 -11.39 12.67
C ALA A 126 3.77 -10.05 12.08
N ASP A 127 3.39 -10.03 10.80
CA ASP A 127 2.91 -8.83 10.13
C ASP A 127 1.44 -9.07 9.76
N ARG A 128 0.55 -8.75 10.71
CA ARG A 128 -0.86 -9.00 10.49
C ARG A 128 -1.45 -8.12 9.40
N GLY A 129 -0.93 -6.89 9.23
CA GLY A 129 -1.44 -6.02 8.20
C GLY A 129 -1.21 -6.56 6.80
N ALA A 130 -0.05 -7.19 6.59
CA ALA A 130 0.21 -7.82 5.30
C ALA A 130 -0.80 -8.92 5.02
N ALA A 131 -1.21 -9.65 6.06
CA ALA A 131 -2.21 -10.70 5.88
C ALA A 131 -3.59 -10.11 5.62
N GLU A 132 -3.95 -9.04 6.33
CA GLU A 132 -5.22 -8.38 6.07
C GLU A 132 -5.26 -7.78 4.68
N LYS A 133 -4.13 -7.22 4.22
CA LYS A 133 -4.08 -6.62 2.90
C LYS A 133 -4.23 -7.67 1.80
N ALA A 134 -3.75 -8.89 2.05
CA ALA A 134 -3.77 -9.94 1.05
C ALA A 134 -5.09 -10.70 1.00
N ILE A 135 -6.03 -10.40 1.88
CA ILE A 135 -7.33 -11.07 1.93
C ILE A 135 -8.37 -10.10 1.37
N LYS A 136 -9.09 -10.55 0.34
CA LYS A 136 -10.12 -9.76 -0.31
C LYS A 136 -11.49 -10.34 0.05
N ILE A 137 -12.39 -9.48 0.51
CA ILE A 137 -13.71 -9.89 0.98
C ILE A 137 -14.75 -9.12 0.18
N THR A 138 -15.47 -9.82 -0.70
CA THR A 138 -16.56 -9.23 -1.45
C THR A 138 -17.88 -9.65 -0.84
N THR A 139 -18.85 -8.73 -0.83
CA THR A 139 -20.16 -8.98 -0.24
C THR A 139 -21.23 -8.39 -1.14
N ASN A 140 -22.36 -9.08 -1.24
CA ASN A 140 -23.50 -8.63 -2.01
C ASN A 140 -24.79 -9.01 -1.29
N PRO A 141 -25.58 -8.03 -0.81
CA PRO A 141 -25.37 -6.57 -0.84
C PRO A 141 -24.12 -6.17 -0.06
N PRO A 142 -23.38 -5.16 -0.55
CA PRO A 142 -22.15 -4.75 0.16
C PRO A 142 -22.46 -4.22 1.55
N VAL A 143 -21.71 -4.73 2.53
CA VAL A 143 -21.84 -4.31 3.92
C VAL A 143 -20.45 -3.98 4.45
N GLU A 144 -20.41 -3.05 5.41
CA GLU A 144 -19.15 -2.71 6.05
C GLU A 144 -18.71 -3.83 6.98
N GLY A 145 -17.41 -4.12 6.98
CA GLY A 145 -16.84 -5.10 7.87
C GLY A 145 -15.45 -4.72 8.33
N ALA A 146 -14.74 -5.63 8.98
CA ALA A 146 -13.48 -5.27 9.61
C ALA A 146 -12.79 -6.52 10.16
N PHE A 147 -11.46 -6.50 10.11
CA PHE A 147 -10.66 -7.61 10.60
C PHE A 147 -10.41 -7.47 12.10
N TYR A 148 -10.32 -8.61 12.77
CA TYR A 148 -9.92 -8.65 14.17
C TYR A 148 -9.34 -10.04 14.45
N TRP A 149 -8.20 -10.07 15.16
CA TRP A 149 -7.48 -11.30 15.41
C TRP A 149 -7.88 -11.89 16.77
N LEU A 150 -8.23 -13.18 16.77
CA LEU A 150 -8.54 -13.87 18.01
C LEU A 150 -7.27 -14.35 18.70
N ASN A 151 -6.27 -14.75 17.92
CA ASN A 151 -4.98 -15.19 18.43
C ASN A 151 -3.94 -14.89 17.35
N ASN A 152 -2.70 -15.34 17.57
CA ASN A 152 -1.63 -15.03 16.63
C ASN A 152 -1.83 -15.67 15.27
N ARG A 153 -2.73 -16.65 15.15
CA ARG A 153 -2.83 -17.45 13.95
C ARG A 153 -4.16 -17.35 13.20
N GLU A 154 -5.24 -16.92 13.85
CA GLU A 154 -6.55 -16.87 13.23
C GLU A 154 -7.10 -15.45 13.27
N VAL A 155 -7.62 -14.99 12.13
CA VAL A 155 -8.19 -13.66 11.99
C VAL A 155 -9.62 -13.80 11.52
N ARG A 156 -10.48 -12.88 11.97
CA ARG A 156 -11.90 -12.92 11.68
C ARG A 156 -12.34 -11.60 11.03
N TRP A 157 -13.48 -11.66 10.36
CA TRP A 157 -14.02 -10.52 9.62
C TRP A 157 -15.53 -10.62 9.65
N ARG A 158 -16.20 -9.57 10.12
CA ARG A 158 -17.65 -9.56 10.21
C ARG A 158 -18.13 -8.13 10.15
N PRO A 159 -19.42 -7.92 9.84
CA PRO A 159 -19.99 -6.57 9.89
C PRO A 159 -20.27 -6.11 11.31
N GLU A 160 -20.90 -4.94 11.44
CA GLU A 160 -21.29 -4.43 12.75
C GLU A 160 -22.38 -5.29 13.36
N HIS A 161 -23.46 -5.53 12.62
CA HIS A 161 -24.58 -6.33 13.07
C HIS A 161 -24.63 -7.64 12.28
N PHE A 162 -25.51 -8.54 12.72
CA PHE A 162 -25.65 -9.83 12.05
C PHE A 162 -25.89 -9.62 10.56
N TRP A 163 -25.45 -10.57 9.76
CA TRP A 163 -25.67 -10.51 8.32
C TRP A 163 -27.16 -10.42 8.02
N LYS A 164 -27.51 -9.60 7.04
CA LYS A 164 -28.86 -9.63 6.47
C LYS A 164 -28.98 -10.86 5.59
N PRO A 165 -29.95 -11.75 5.82
CA PRO A 165 -30.05 -12.98 5.00
C PRO A 165 -29.98 -12.72 3.50
N GLY A 166 -29.64 -13.75 2.75
CA GLY A 166 -29.53 -13.64 1.30
C GLY A 166 -28.26 -13.00 0.81
N THR A 167 -27.30 -12.74 1.69
CA THR A 167 -26.08 -12.04 1.34
C THR A 167 -25.04 -13.04 0.84
N ALA A 168 -24.41 -12.71 -0.29
CA ALA A 168 -23.31 -13.49 -0.81
C ALA A 168 -22.00 -13.00 -0.22
N VAL A 169 -21.11 -13.94 0.10
CA VAL A 169 -19.81 -13.64 0.68
C VAL A 169 -18.76 -14.39 -0.12
N ASP A 170 -17.74 -13.68 -0.59
CA ASP A 170 -16.64 -14.27 -1.33
C ASP A 170 -15.34 -13.90 -0.64
N VAL A 171 -14.49 -14.90 -0.40
CA VAL A 171 -13.23 -14.72 0.31
C VAL A 171 -12.10 -15.15 -0.62
N ALA A 172 -11.12 -14.26 -0.80
CA ALA A 172 -9.96 -14.53 -1.66
C ALA A 172 -8.71 -14.30 -0.81
N VAL A 173 -8.12 -15.39 -0.32
CA VAL A 173 -6.91 -15.32 0.49
C VAL A 173 -5.73 -15.47 -0.47
N ASN A 174 -5.23 -14.33 -0.94
CA ASN A 174 -4.17 -14.32 -1.95
C ASN A 174 -2.81 -14.08 -1.27
N THR A 175 -2.43 -15.05 -0.46
CA THR A 175 -1.25 -14.96 0.38
C THR A 175 -0.01 -15.57 -0.26
N TYR A 176 -0.12 -16.19 -1.43
CA TYR A 176 1.03 -16.79 -2.06
C TYR A 176 1.95 -15.71 -2.63
N GLY A 177 3.23 -15.80 -2.29
CA GLY A 177 4.19 -14.80 -2.70
C GLY A 177 4.21 -13.56 -1.85
N VAL A 178 3.47 -13.53 -0.74
CA VAL A 178 3.38 -12.37 0.14
C VAL A 178 4.18 -12.65 1.40
N ASP A 179 5.04 -11.70 1.77
CA ASP A 179 5.81 -11.82 3.00
C ASP A 179 4.93 -11.46 4.19
N LEU A 180 4.74 -12.41 5.10
CA LEU A 180 3.92 -12.23 6.28
C LEU A 180 4.75 -11.96 7.53
N GLY A 181 5.97 -11.47 7.36
CA GLY A 181 6.81 -11.11 8.49
C GLY A 181 7.85 -12.15 8.84
N GLU A 182 9.07 -11.71 9.14
CA GLU A 182 10.14 -12.60 9.60
C GLU A 182 10.39 -13.72 8.59
N GLY A 183 10.21 -13.43 7.31
CA GLY A 183 10.42 -14.42 6.28
C GLY A 183 9.30 -15.44 6.13
N MET A 184 8.16 -15.22 6.79
N MET A 184 8.16 -15.22 6.79
CA MET A 184 7.02 -16.13 6.69
CA MET A 184 7.02 -16.13 6.69
C MET A 184 6.24 -15.78 5.42
C MET A 184 6.24 -15.79 5.42
N PHE A 185 6.23 -16.69 4.45
CA PHE A 185 5.52 -16.50 3.20
C PHE A 185 4.37 -17.50 3.08
N GLY A 186 3.42 -17.17 2.21
CA GLY A 186 2.27 -18.03 2.01
C GLY A 186 2.60 -19.25 1.17
N GLU A 187 2.03 -20.39 1.57
CA GLU A 187 2.24 -21.63 0.83
C GLU A 187 1.32 -21.75 -0.37
N ASP A 188 0.11 -21.19 -0.28
CA ASP A 188 -0.85 -21.29 -1.37
C ASP A 188 -1.91 -20.22 -1.18
N ASN A 189 -2.77 -20.07 -2.19
CA ASN A 189 -3.94 -19.22 -2.14
C ASN A 189 -5.18 -20.07 -1.94
N VAL A 190 -6.27 -19.41 -1.52
CA VAL A 190 -7.54 -20.09 -1.28
C VAL A 190 -8.67 -19.13 -1.62
N GLN A 191 -9.79 -19.70 -2.07
CA GLN A 191 -10.96 -18.91 -2.40
C GLN A 191 -12.21 -19.72 -2.08
N THR A 192 -12.98 -19.27 -1.09
CA THR A 192 -14.24 -19.88 -0.75
C THR A 192 -15.37 -18.88 -0.96
N HIS A 193 -16.59 -19.41 -1.03
CA HIS A 193 -17.78 -18.58 -1.15
C HIS A 193 -18.91 -19.25 -0.39
N PHE A 194 -19.69 -18.45 0.32
CA PHE A 194 -20.84 -18.95 1.05
C PHE A 194 -21.93 -17.90 1.06
N THR A 195 -23.12 -18.31 1.52
CA THR A 195 -24.29 -17.45 1.54
C THR A 195 -24.93 -17.52 2.92
N ILE A 196 -25.60 -16.44 3.29
CA ILE A 196 -26.30 -16.36 4.56
C ILE A 196 -27.73 -16.85 4.37
N GLY A 197 -28.20 -17.67 5.30
CA GLY A 197 -29.53 -18.23 5.26
C GLY A 197 -30.49 -17.54 6.21
N ASP A 198 -31.43 -18.32 6.76
CA ASP A 198 -32.48 -17.77 7.60
C ASP A 198 -31.89 -17.19 8.89
N GLU A 199 -32.57 -16.15 9.39
CA GLU A 199 -32.25 -15.61 10.71
C GLU A 199 -32.77 -16.57 11.78
N VAL A 200 -31.86 -17.16 12.54
CA VAL A 200 -32.19 -18.13 13.57
C VAL A 200 -31.46 -17.71 14.84
N ILE A 201 -32.17 -17.01 15.74
CA ILE A 201 -31.60 -16.54 16.99
C ILE A 201 -32.29 -17.27 18.12
N ALA A 202 -31.53 -18.06 18.88
CA ALA A 202 -32.03 -18.76 20.06
C ALA A 202 -31.55 -18.04 21.30
N THR A 203 -32.46 -17.83 22.25
CA THR A 203 -32.16 -17.12 23.49
C THR A 203 -32.47 -18.02 24.67
N ALA A 204 -31.55 -18.07 25.64
CA ALA A 204 -31.72 -18.85 26.85
C ALA A 204 -31.70 -17.88 28.04
N ASP A 205 -32.84 -17.73 28.70
CA ASP A 205 -33.00 -16.82 29.82
C ASP A 205 -32.89 -17.63 31.12
N ASP A 206 -31.87 -17.33 31.92
CA ASP A 206 -31.72 -18.04 33.20
C ASP A 206 -32.85 -17.70 34.16
N ASN A 207 -33.42 -16.49 34.07
CA ASN A 207 -34.52 -16.13 34.94
C ASN A 207 -35.73 -17.04 34.73
N THR A 208 -35.92 -17.52 33.49
CA THR A 208 -36.99 -18.47 33.19
C THR A 208 -36.48 -19.87 32.91
N LYS A 209 -35.17 -20.06 32.76
CA LYS A 209 -34.59 -21.37 32.50
C LYS A 209 -35.17 -22.01 31.24
N ILE A 210 -35.47 -21.18 30.24
CA ILE A 210 -36.08 -21.64 28.99
C ILE A 210 -35.23 -21.18 27.81
N LEU A 211 -35.05 -22.07 26.83
CA LEU A 211 -34.32 -21.79 25.61
C LEU A 211 -35.34 -21.67 24.47
N THR A 212 -35.49 -20.46 23.94
CA THR A 212 -36.45 -20.16 22.89
C THR A 212 -35.72 -20.01 21.56
N VAL A 213 -36.18 -20.74 20.55
CA VAL A 213 -35.60 -20.69 19.22
C VAL A 213 -36.54 -19.87 18.33
N ARG A 214 -36.01 -18.83 17.69
CA ARG A 214 -36.78 -17.94 16.84
C ARG A 214 -36.26 -18.02 15.42
N VAL A 215 -37.16 -18.30 14.47
CA VAL A 215 -36.84 -18.33 13.06
C VAL A 215 -37.54 -17.14 12.40
N ASN A 216 -36.76 -16.22 11.84
CA ASN A 216 -37.29 -15.04 11.17
C ASN A 216 -38.17 -14.24 12.13
N GLY A 217 -37.75 -14.13 13.38
CA GLY A 217 -38.46 -13.35 14.37
C GLY A 217 -39.63 -14.05 15.02
N GLU A 218 -39.96 -15.27 14.62
CA GLU A 218 -41.11 -16.00 15.14
C GLU A 218 -40.63 -17.13 16.04
N VAL A 219 -41.23 -17.23 17.23
CA VAL A 219 -40.94 -18.36 18.10
C VAL A 219 -41.43 -19.63 17.43
N VAL A 220 -40.55 -20.63 17.35
CA VAL A 220 -40.90 -21.93 16.79
C VAL A 220 -40.72 -23.06 17.78
N LYS A 221 -39.92 -22.88 18.83
CA LYS A 221 -39.68 -23.94 19.80
C LYS A 221 -39.32 -23.31 21.13
N SER A 222 -39.86 -23.86 22.21
CA SER A 222 -39.53 -23.46 23.58
C SER A 222 -39.01 -24.69 24.31
N MET A 223 -37.75 -24.65 24.71
CA MET A 223 -37.08 -25.81 25.27
C MET A 223 -36.78 -25.60 26.74
N PRO A 224 -37.36 -26.38 27.65
CA PRO A 224 -36.88 -26.35 29.04
C PRO A 224 -35.44 -26.84 29.09
N THR A 225 -34.59 -26.10 29.81
CA THR A 225 -33.17 -26.41 29.87
C THR A 225 -32.64 -26.17 31.28
N SER A 226 -31.55 -26.87 31.60
CA SER A 226 -30.80 -26.68 32.83
C SER A 226 -29.36 -26.33 32.45
N MET A 227 -28.90 -25.18 32.90
CA MET A 227 -27.61 -24.65 32.51
C MET A 227 -26.59 -24.88 33.63
N GLY A 228 -25.41 -24.26 33.48
CA GLY A 228 -24.35 -24.38 34.46
C GLY A 228 -24.78 -24.00 35.86
N LYS A 229 -24.45 -24.85 36.83
CA LYS A 229 -24.76 -24.58 38.22
C LYS A 229 -23.80 -23.53 38.78
N ASP A 230 -24.19 -22.98 39.94
CA ASP A 230 -23.50 -21.82 40.52
C ASP A 230 -21.98 -21.94 40.49
N SER A 231 -21.46 -23.15 40.73
CA SER A 231 -20.00 -23.31 40.82
C SER A 231 -19.33 -23.30 39.46
N THR A 232 -20.00 -23.83 38.43
CA THR A 232 -19.50 -23.84 37.06
C THR A 232 -20.59 -23.29 36.15
N PRO A 233 -20.89 -22.01 36.24
CA PRO A 233 -22.04 -21.46 35.52
C PRO A 233 -21.77 -21.25 34.04
N THR A 234 -22.87 -21.19 33.28
CA THR A 234 -22.79 -20.78 31.90
C THR A 234 -22.56 -19.28 31.82
N ALA A 235 -21.70 -18.87 30.89
CA ALA A 235 -21.40 -17.45 30.72
C ALA A 235 -22.50 -16.78 29.90
N ASN A 236 -22.77 -15.52 30.25
CA ASN A 236 -23.68 -14.71 29.45
C ASN A 236 -22.99 -14.28 28.16
N GLY A 237 -23.80 -13.90 27.17
CA GLY A 237 -23.31 -13.33 25.94
C GLY A 237 -23.91 -14.00 24.73
N ILE A 238 -23.36 -13.67 23.57
CA ILE A 238 -23.79 -14.23 22.29
C ILE A 238 -22.85 -15.36 21.91
N TYR A 239 -23.41 -16.49 21.53
CA TYR A 239 -22.65 -17.63 21.05
C TYR A 239 -22.95 -17.88 19.57
N ILE A 240 -21.96 -18.38 18.84
CA ILE A 240 -22.11 -18.77 17.45
C ILE A 240 -22.11 -20.29 17.40
N VAL A 241 -22.96 -20.85 16.56
CA VAL A 241 -23.10 -22.30 16.47
C VAL A 241 -21.97 -22.85 15.61
N GLY A 242 -21.38 -23.96 16.05
CA GLY A 242 -20.30 -24.58 15.33
C GLY A 242 -20.62 -25.98 14.84
N SER A 243 -19.82 -26.95 15.23
CA SER A 243 -20.00 -28.32 14.73
C SER A 243 -21.25 -28.95 15.33
N ARG A 244 -21.81 -29.90 14.60
CA ARG A 244 -23.00 -30.64 15.02
C ARG A 244 -22.69 -32.13 14.99
N TYR A 245 -23.05 -32.83 16.06
CA TYR A 245 -22.73 -34.25 16.20
C TYR A 245 -23.98 -35.04 16.55
N LYS A 246 -24.23 -36.11 15.79
CA LYS A 246 -25.29 -37.04 16.18
C LYS A 246 -25.00 -37.66 17.54
N HIS A 247 -23.73 -37.85 17.87
CA HIS A 247 -23.30 -38.24 19.21
C HIS A 247 -21.82 -37.92 19.34
N ILE A 248 -21.42 -37.52 20.54
CA ILE A 248 -20.07 -37.00 20.79
C ILE A 248 -19.64 -37.45 22.18
N ILE A 249 -18.41 -37.93 22.29
CA ILE A 249 -17.83 -38.28 23.59
C ILE A 249 -17.29 -36.99 24.21
N MET A 250 -17.80 -36.65 25.39
CA MET A 250 -17.38 -35.45 26.10
C MET A 250 -16.25 -35.82 27.04
N ASP A 251 -15.02 -35.71 26.56
CA ASP A 251 -13.83 -35.90 27.38
C ASP A 251 -13.46 -34.55 28.00
N SER A 252 -13.41 -34.50 29.33
CA SER A 252 -13.08 -33.25 30.01
C SER A 252 -11.66 -32.81 29.70
N SER A 253 -10.77 -33.76 29.40
CA SER A 253 -9.38 -33.41 29.14
C SER A 253 -9.24 -32.52 27.91
N THR A 254 -10.18 -32.61 26.96
CA THR A 254 -10.10 -31.80 25.75
C THR A 254 -9.92 -30.33 26.09
N TYR A 255 -10.50 -29.87 27.21
CA TYR A 255 -10.44 -28.48 27.63
C TYR A 255 -9.46 -28.26 28.76
N GLY A 256 -8.51 -29.17 28.95
CA GLY A 256 -7.47 -29.01 29.93
C GLY A 256 -7.83 -29.41 31.34
N VAL A 257 -9.09 -29.69 31.62
CA VAL A 257 -9.53 -30.09 32.95
C VAL A 257 -9.39 -31.62 33.06
N PRO A 258 -8.60 -32.13 34.00
CA PRO A 258 -8.40 -33.58 34.07
C PRO A 258 -9.71 -34.30 34.39
N VAL A 259 -9.88 -35.47 33.75
CA VAL A 259 -11.13 -36.22 33.91
C VAL A 259 -11.30 -36.71 35.34
N ASN A 260 -10.20 -36.94 36.05
CA ASN A 260 -10.25 -37.47 37.42
C ASN A 260 -10.19 -36.32 38.42
N SER A 261 -11.26 -35.53 38.40
CA SER A 261 -11.33 -34.28 39.14
C SER A 261 -12.78 -34.04 39.54
N PRO A 262 -13.02 -33.13 40.49
CA PRO A 262 -14.41 -32.87 40.87
C PRO A 262 -15.25 -32.35 39.72
N ASN A 263 -14.68 -31.45 38.93
CA ASN A 263 -15.38 -30.82 37.81
C ASN A 263 -15.07 -31.47 36.48
N GLY A 264 -14.40 -32.63 36.49
CA GLY A 264 -14.12 -33.36 35.28
C GLY A 264 -15.24 -34.31 34.89
N TYR A 265 -15.07 -34.95 33.74
CA TYR A 265 -16.11 -35.81 33.20
C TYR A 265 -15.65 -36.52 31.94
N ARG A 266 -16.09 -37.76 31.74
CA ARG A 266 -15.84 -38.46 30.48
C ARG A 266 -17.05 -39.36 30.22
N THR A 267 -18.04 -38.81 29.52
CA THR A 267 -19.24 -39.54 29.17
C THR A 267 -19.58 -39.26 27.72
N ASP A 268 -20.48 -40.09 27.18
CA ASP A 268 -20.92 -39.99 25.79
C ASP A 268 -22.35 -39.49 25.79
N VAL A 269 -22.58 -38.36 25.12
CA VAL A 269 -23.90 -37.75 25.03
C VAL A 269 -24.34 -37.74 23.57
N ASP A 270 -25.62 -37.50 23.36
CA ASP A 270 -26.23 -37.51 22.04
C ASP A 270 -26.65 -36.10 21.64
N TRP A 271 -26.79 -35.90 20.34
CA TRP A 271 -27.36 -34.68 19.76
C TRP A 271 -26.75 -33.42 20.38
N ALA A 272 -25.46 -33.25 20.13
CA ALA A 272 -24.68 -32.16 20.70
C ALA A 272 -24.34 -31.13 19.62
N THR A 273 -24.63 -29.87 19.90
CA THR A 273 -24.36 -28.75 19.00
C THR A 273 -23.39 -27.80 19.69
N GLN A 274 -22.13 -27.81 19.26
CA GLN A 274 -21.11 -26.96 19.87
C GLN A 274 -21.44 -25.49 19.64
N ILE A 275 -21.32 -24.68 20.70
CA ILE A 275 -21.54 -23.24 20.58
C ILE A 275 -20.42 -22.47 21.28
N SER A 276 -19.36 -23.18 21.67
CA SER A 276 -18.24 -22.52 22.32
C SER A 276 -17.00 -23.41 22.26
N TYR A 277 -15.86 -22.78 21.94
CA TYR A 277 -14.60 -23.50 22.01
C TYR A 277 -14.27 -23.91 23.44
N SER A 278 -14.77 -23.15 24.42
CA SER A 278 -14.48 -23.42 25.82
C SER A 278 -15.31 -24.55 26.40
N GLY A 279 -16.24 -25.11 25.64
CA GLY A 279 -16.95 -26.31 26.05
C GLY A 279 -18.46 -26.19 26.14
N VAL A 280 -19.05 -25.01 26.00
CA VAL A 280 -20.49 -24.88 26.10
C VAL A 280 -21.14 -25.58 24.91
N PHE A 281 -22.18 -26.37 25.19
CA PHE A 281 -22.87 -27.15 24.17
C PHE A 281 -24.37 -27.04 24.37
N VAL A 282 -25.11 -27.55 23.38
CA VAL A 282 -26.52 -27.87 23.52
C VAL A 282 -26.66 -29.34 23.18
N HIS A 283 -26.91 -30.17 24.18
CA HIS A 283 -26.88 -31.62 24.02
C HIS A 283 -28.11 -32.25 24.68
N SER A 284 -28.27 -33.55 24.42
CA SER A 284 -29.30 -34.34 25.07
C SER A 284 -28.85 -34.75 26.46
N ALA A 285 -29.68 -34.48 27.46
CA ALA A 285 -29.37 -34.77 28.86
C ALA A 285 -30.59 -35.43 29.51
N PRO A 286 -30.76 -36.74 29.32
CA PRO A 286 -31.89 -37.43 29.96
C PRO A 286 -31.90 -37.28 31.47
N TRP A 287 -30.72 -37.33 32.11
CA TRP A 287 -30.61 -37.34 33.56
C TRP A 287 -31.01 -36.03 34.22
N SER A 288 -31.49 -35.04 33.47
CA SER A 288 -31.82 -33.75 34.06
C SER A 288 -33.17 -33.20 33.60
N VAL A 289 -34.02 -34.04 33.00
CA VAL A 289 -35.33 -33.58 32.55
C VAL A 289 -36.07 -32.87 33.69
N GLY A 290 -36.00 -33.44 34.90
CA GLY A 290 -36.70 -32.84 36.03
C GLY A 290 -36.16 -31.46 36.37
N ALA A 291 -34.84 -31.28 36.29
CA ALA A 291 -34.24 -29.99 36.56
C ALA A 291 -34.44 -29.01 35.42
N GLN A 292 -34.46 -29.50 34.17
CA GLN A 292 -34.63 -28.64 33.02
C GLN A 292 -35.91 -27.82 33.14
N GLY A 293 -35.76 -26.51 33.07
CA GLY A 293 -36.88 -25.61 33.26
C GLY A 293 -37.06 -25.10 34.68
N HIS A 294 -36.16 -25.47 35.60
CA HIS A 294 -36.32 -25.07 36.99
C HIS A 294 -34.99 -24.67 37.61
N THR A 295 -34.02 -25.57 37.63
CA THR A 295 -32.77 -25.35 38.32
C THR A 295 -31.59 -25.77 37.45
N ASN A 296 -30.41 -25.29 37.81
CA ASN A 296 -29.18 -25.53 37.06
C ASN A 296 -28.38 -26.66 37.70
N THR A 297 -27.93 -27.61 36.88
CA THR A 297 -27.22 -28.78 37.39
C THR A 297 -26.24 -29.32 36.34
N SER A 298 -25.54 -28.44 35.64
CA SER A 298 -24.59 -28.85 34.61
C SER A 298 -23.26 -28.15 34.82
N HIS A 299 -22.29 -28.51 33.98
CA HIS A 299 -20.92 -27.94 34.01
C HIS A 299 -20.81 -26.72 33.10
N GLY A 300 -21.88 -26.37 32.37
CA GLY A 300 -21.81 -25.23 31.47
C GLY A 300 -22.67 -25.39 30.23
N CYS A 301 -22.76 -26.61 29.66
CA CYS A 301 -23.58 -26.78 28.44
C CYS A 301 -25.06 -26.76 28.79
N LEU A 302 -25.90 -26.45 27.80
CA LEU A 302 -27.35 -26.37 28.06
C LEU A 302 -27.93 -27.77 27.96
N ASN A 303 -28.39 -28.29 29.10
CA ASN A 303 -29.03 -29.63 29.21
C ASN A 303 -30.41 -29.52 28.59
N VAL A 304 -30.70 -30.36 27.59
CA VAL A 304 -31.97 -30.34 26.85
C VAL A 304 -32.44 -31.77 26.69
N SER A 305 -33.75 -31.95 26.57
CA SER A 305 -34.29 -33.28 26.41
C SER A 305 -33.84 -33.88 25.08
N PRO A 306 -33.80 -35.21 24.97
CA PRO A 306 -33.43 -35.82 23.68
C PRO A 306 -34.28 -35.32 22.54
N SER A 307 -35.60 -35.26 22.73
CA SER A 307 -36.49 -34.71 21.73
C SER A 307 -36.00 -33.36 21.24
N ASN A 308 -35.88 -32.39 22.16
CA ASN A 308 -35.53 -31.03 21.78
C ASN A 308 -34.09 -30.96 21.26
N ALA A 309 -33.16 -31.68 21.89
CA ALA A 309 -31.78 -31.65 21.42
C ALA A 309 -31.69 -32.06 19.96
N GLN A 310 -32.37 -33.16 19.60
CA GLN A 310 -32.37 -33.58 18.19
C GLN A 310 -33.01 -32.52 17.31
N TRP A 311 -34.14 -31.95 17.75
CA TRP A 311 -34.77 -30.88 16.98
C TRP A 311 -33.80 -29.72 16.79
N PHE A 312 -33.05 -29.36 17.83
CA PHE A 312 -32.01 -28.36 17.71
C PHE A 312 -30.96 -28.80 16.68
N TYR A 313 -30.51 -30.05 16.81
CA TYR A 313 -29.53 -30.57 15.86
C TYR A 313 -30.03 -30.47 14.42
N ASP A 314 -31.32 -30.73 14.21
CA ASP A 314 -31.86 -30.82 12.85
C ASP A 314 -32.18 -29.45 12.27
N HIS A 315 -32.53 -28.47 13.10
CA HIS A 315 -33.05 -27.20 12.61
C HIS A 315 -32.08 -26.04 12.80
N VAL A 316 -30.94 -26.24 13.44
CA VAL A 316 -29.94 -25.21 13.66
C VAL A 316 -28.72 -25.54 12.82
N LYS A 317 -28.27 -24.58 12.01
CA LYS A 317 -27.11 -24.75 11.15
C LYS A 317 -25.95 -23.91 11.67
N ARG A 318 -24.76 -24.22 11.16
CA ARG A 318 -23.57 -23.46 11.50
C ARG A 318 -23.79 -21.97 11.22
N GLY A 319 -23.51 -21.15 12.23
CA GLY A 319 -23.64 -19.71 12.11
C GLY A 319 -24.87 -19.11 12.77
N ASP A 320 -25.82 -19.93 13.19
CA ASP A 320 -26.94 -19.43 13.98
C ASP A 320 -26.44 -18.96 15.35
N ILE A 321 -27.27 -18.17 16.03
CA ILE A 321 -26.88 -17.51 17.26
C ILE A 321 -27.60 -18.13 18.44
N VAL A 322 -26.87 -18.28 19.55
CA VAL A 322 -27.43 -18.64 20.85
C VAL A 322 -27.01 -17.56 21.84
N GLU A 323 -27.98 -16.88 22.43
CA GLU A 323 -27.73 -15.83 23.40
C GLU A 323 -28.16 -16.28 24.79
N VAL A 324 -27.28 -16.09 25.77
CA VAL A 324 -27.53 -16.45 27.16
C VAL A 324 -27.49 -15.18 28.00
N VAL A 325 -28.50 -15.01 28.86
CA VAL A 325 -28.65 -13.78 29.65
C VAL A 325 -29.03 -14.13 31.07
N ASN A 326 -28.73 -13.20 31.98
CA ASN A 326 -29.17 -13.26 33.36
C ASN A 326 -28.64 -14.47 34.11
N THR A 327 -27.52 -15.03 33.68
CA THR A 327 -26.88 -16.10 34.42
C THR A 327 -25.98 -15.51 35.51
N VAL A 328 -25.58 -16.37 36.44
CA VAL A 328 -24.68 -15.93 37.52
C VAL A 328 -23.22 -15.88 37.08
N GLY A 329 -22.90 -16.43 35.91
CA GLY A 329 -21.54 -16.39 35.41
C GLY A 329 -21.24 -15.10 34.70
N GLY A 330 -20.02 -15.04 34.16
CA GLY A 330 -19.55 -13.84 33.48
C GLY A 330 -20.02 -13.79 32.04
N THR A 331 -19.25 -13.08 31.23
CA THR A 331 -19.51 -12.93 29.80
C THR A 331 -18.53 -13.78 29.01
N LEU A 332 -19.03 -14.43 27.96
CA LEU A 332 -18.18 -15.28 27.13
C LEU A 332 -17.01 -14.46 26.58
N PRO A 333 -15.78 -14.96 26.66
CA PRO A 333 -14.65 -14.21 26.08
C PRO A 333 -14.85 -13.97 24.59
N GLY A 334 -14.46 -12.78 24.14
CA GLY A 334 -14.59 -12.44 22.73
C GLY A 334 -13.69 -13.24 21.82
N ILE A 335 -12.58 -13.76 22.35
CA ILE A 335 -11.61 -14.50 21.55
C ILE A 335 -11.78 -16.02 21.75
N ASP A 336 -12.91 -16.45 22.29
CA ASP A 336 -13.16 -17.88 22.50
C ASP A 336 -12.98 -18.66 21.20
N GLY A 337 -13.39 -18.07 20.08
CA GLY A 337 -13.48 -18.74 18.80
C GLY A 337 -14.89 -18.77 18.25
N LEU A 338 -15.89 -18.73 19.13
CA LEU A 338 -17.29 -18.61 18.72
C LEU A 338 -17.98 -17.45 19.41
N GLY A 339 -17.25 -16.62 20.16
CA GLY A 339 -17.84 -15.49 20.83
C GLY A 339 -17.42 -14.15 20.24
N ASP A 340 -17.35 -14.11 18.90
CA ASP A 340 -16.81 -12.93 18.24
C ASP A 340 -17.69 -11.71 18.47
N TRP A 341 -19.01 -11.89 18.43
CA TRP A 341 -19.93 -10.77 18.56
C TRP A 341 -19.95 -10.17 19.96
N ASN A 342 -19.22 -10.74 20.92
CA ASN A 342 -19.18 -10.17 22.26
C ASN A 342 -18.17 -9.05 22.41
N ILE A 343 -17.41 -8.74 21.36
CA ILE A 343 -16.49 -7.61 21.36
C ILE A 343 -17.24 -6.40 20.80
N PRO A 344 -17.20 -5.24 21.47
CA PRO A 344 -17.89 -4.07 20.93
C PRO A 344 -17.45 -3.78 19.50
N TRP A 345 -18.38 -3.24 18.71
CA TRP A 345 -18.10 -3.01 17.30
C TRP A 345 -16.95 -2.03 17.11
N ASP A 346 -16.87 -1.00 17.97
CA ASP A 346 -15.80 -0.02 17.86
C ASP A 346 -14.43 -0.70 18.03
N GLN A 347 -14.28 -1.49 19.08
CA GLN A 347 -13.02 -2.19 19.31
C GLN A 347 -12.70 -3.16 18.18
N TRP A 348 -13.70 -3.90 17.71
CA TRP A 348 -13.47 -4.83 16.60
C TRP A 348 -13.02 -4.06 15.36
N ARG A 349 -13.79 -3.05 14.96
CA ARG A 349 -13.45 -2.22 13.81
C ARG A 349 -12.02 -1.73 13.91
N ALA A 350 -11.64 -1.18 15.07
CA ALA A 350 -10.29 -0.65 15.23
C ALA A 350 -9.24 -1.68 14.85
N GLY A 351 -9.49 -2.95 15.13
CA GLY A 351 -8.55 -4.00 14.84
C GLY A 351 -7.43 -4.06 15.86
N ASN A 352 -6.62 -5.11 15.75
CA ASN A 352 -5.46 -5.29 16.61
C ASN A 352 -4.26 -5.74 15.78
N ALA A 353 -4.11 -5.17 14.58
CA ALA A 353 -2.98 -5.49 13.73
C ALA A 353 -1.67 -4.97 14.31
N LYS A 354 -1.73 -3.97 15.19
CA LYS A 354 -0.53 -3.42 15.84
C LYS A 354 0.39 -2.74 14.82
N LEU B 5 65.19 17.15 -12.32
CA LEU B 5 63.90 17.17 -12.99
C LEU B 5 63.39 18.60 -13.14
N VAL B 6 62.67 18.87 -14.22
CA VAL B 6 62.12 20.19 -14.52
C VAL B 6 60.61 20.13 -14.30
N PRO B 7 60.01 21.13 -13.63
CA PRO B 7 58.59 21.02 -13.30
C PRO B 7 57.70 20.88 -14.53
N LYS B 8 56.59 20.17 -14.33
CA LYS B 8 55.54 20.02 -15.34
C LYS B 8 54.23 20.52 -14.77
N LEU B 9 53.44 21.20 -15.60
CA LEU B 9 52.17 21.78 -15.20
C LEU B 9 51.04 21.10 -15.97
N THR B 10 50.04 20.62 -15.24
CA THR B 10 48.86 20.01 -15.81
C THR B 10 47.63 20.71 -15.25
N ALA B 11 46.59 20.82 -16.08
CA ALA B 11 45.36 21.50 -15.71
C ALA B 11 44.16 20.65 -16.12
N SER B 12 43.07 20.81 -15.37
CA SER B 12 41.81 20.16 -15.72
C SER B 12 41.24 20.70 -17.03
N VAL B 13 41.86 21.71 -17.62
CA VAL B 13 41.49 22.23 -18.93
C VAL B 13 42.78 22.35 -19.74
N THR B 14 42.63 22.48 -21.05
CA THR B 14 43.77 22.56 -21.96
C THR B 14 43.69 23.85 -22.77
N ASP B 15 44.85 24.45 -23.04
CA ASP B 15 44.90 25.72 -23.75
C ASP B 15 44.22 25.61 -25.10
N GLY B 16 43.39 26.60 -25.42
CA GLY B 16 42.66 26.62 -26.66
C GLY B 16 41.33 25.92 -26.64
N ALA B 17 40.88 25.46 -25.48
CA ALA B 17 39.62 24.73 -25.40
C ALA B 17 38.43 25.67 -25.49
N VAL B 18 37.39 25.23 -26.20
CA VAL B 18 36.12 25.93 -26.26
C VAL B 18 35.03 24.97 -25.78
N GLY B 19 33.90 25.54 -25.38
CA GLY B 19 32.83 24.73 -24.83
C GLY B 19 33.18 24.07 -23.52
N VAL B 20 34.05 24.68 -22.73
CA VAL B 20 34.39 24.13 -21.43
C VAL B 20 33.22 24.30 -20.47
N THR B 21 32.86 23.23 -19.78
CA THR B 21 31.72 23.26 -18.89
C THR B 21 32.10 23.87 -17.54
N VAL B 22 31.11 24.50 -16.91
CA VAL B 22 31.29 25.15 -15.61
C VAL B 22 30.64 24.35 -14.48
N ASP B 23 30.27 23.09 -14.74
CA ASP B 23 29.70 22.23 -13.71
C ASP B 23 30.74 21.69 -12.75
N ALA B 24 32.02 21.93 -13.00
CA ALA B 24 33.09 21.47 -12.13
C ALA B 24 34.13 22.58 -12.02
N PRO B 25 34.91 22.59 -10.93
CA PRO B 25 35.97 23.60 -10.81
C PRO B 25 37.10 23.33 -11.78
N VAL B 26 37.94 24.35 -11.95
CA VAL B 26 39.13 24.28 -12.78
C VAL B 26 40.34 24.21 -11.85
N SER B 27 41.27 23.30 -12.16
CA SER B 27 42.40 23.05 -11.29
C SER B 27 43.70 23.04 -12.10
N VAL B 28 44.80 23.23 -11.37
CA VAL B 28 46.14 23.22 -11.95
C VAL B 28 47.06 22.45 -11.00
N THR B 29 47.74 21.43 -11.51
CA THR B 29 48.60 20.58 -10.70
C THR B 29 50.04 20.70 -11.17
N ALA B 30 50.97 20.47 -10.24
CA ALA B 30 52.39 20.58 -10.49
C ALA B 30 53.07 19.25 -10.25
N ALA B 31 53.90 18.82 -11.18
CA ALA B 31 54.72 17.62 -11.05
C ALA B 31 56.20 18.03 -11.03
N ASP B 32 56.96 17.37 -10.16
CA ASP B 32 58.41 17.61 -10.04
C ASP B 32 58.69 19.03 -9.57
N GLY B 33 57.84 19.55 -8.71
CA GLY B 33 57.98 20.92 -8.26
C GLY B 33 56.74 21.35 -7.50
N VAL B 34 56.63 22.66 -7.28
CA VAL B 34 55.50 23.24 -6.59
C VAL B 34 55.03 24.47 -7.35
N LEU B 35 53.75 24.80 -7.18
CA LEU B 35 53.17 25.99 -7.80
C LEU B 35 53.55 27.21 -6.98
N ALA B 36 54.18 28.19 -7.62
CA ALA B 36 54.53 29.42 -6.93
C ALA B 36 53.33 30.36 -6.85
N ALA B 37 52.64 30.55 -7.97
CA ALA B 37 51.43 31.37 -8.01
C ALA B 37 50.63 30.99 -9.25
N VAL B 38 49.31 31.05 -9.11
CA VAL B 38 48.39 30.82 -10.21
C VAL B 38 47.40 31.98 -10.23
N THR B 39 47.03 32.41 -11.42
CA THR B 39 46.08 33.50 -11.60
C THR B 39 45.18 33.18 -12.78
N MET B 40 43.87 33.29 -12.57
N MET B 40 43.88 33.24 -12.55
CA MET B 40 42.88 33.10 -13.62
CA MET B 40 42.89 33.10 -13.62
C MET B 40 42.00 34.34 -13.68
C MET B 40 42.07 34.39 -13.67
N VAL B 41 41.97 34.98 -14.85
CA VAL B 41 41.20 36.19 -15.06
C VAL B 41 40.23 35.97 -16.21
N ASN B 42 39.13 36.70 -16.18
CA ASN B 42 38.10 36.58 -17.21
C ASN B 42 38.39 37.56 -18.36
N ASP B 43 37.52 37.54 -19.36
CA ASP B 43 37.72 38.41 -20.52
C ASP B 43 37.68 39.88 -20.15
N ASN B 44 36.96 40.23 -19.08
CA ASN B 44 36.92 41.60 -18.59
C ASN B 44 38.07 41.96 -17.67
N GLY B 45 38.90 40.98 -17.29
CA GLY B 45 40.06 41.23 -16.46
C GLY B 45 39.86 40.94 -14.98
N ARG B 46 38.63 40.79 -14.53
CA ARG B 46 38.39 40.49 -13.13
C ARG B 46 38.97 39.12 -12.78
N PRO B 47 39.69 38.99 -11.67
CA PRO B 47 40.30 37.70 -11.36
C PRO B 47 39.28 36.70 -10.81
N VAL B 48 39.57 35.43 -11.04
CA VAL B 48 38.80 34.34 -10.47
C VAL B 48 39.41 33.95 -9.15
N ALA B 49 38.57 33.69 -8.16
CA ALA B 49 39.05 33.28 -6.85
C ALA B 49 39.50 31.83 -6.90
N GLY B 50 40.59 31.52 -6.19
CA GLY B 50 41.13 30.18 -6.15
C GLY B 50 41.88 29.96 -4.86
N ARG B 51 42.20 28.69 -4.60
CA ARG B 51 42.88 28.30 -3.38
C ARG B 51 44.02 27.36 -3.72
N LEU B 52 45.15 27.54 -3.02
CA LEU B 52 46.33 26.72 -3.19
C LEU B 52 46.46 25.81 -1.97
N SER B 53 46.63 24.51 -2.21
CA SER B 53 46.69 23.55 -1.12
C SER B 53 47.97 23.74 -0.32
N PRO B 54 47.98 23.29 0.94
CA PRO B 54 49.15 23.55 1.81
C PRO B 54 50.47 23.10 1.20
N ASP B 55 50.50 21.92 0.56
CA ASP B 55 51.74 21.43 -0.02
C ASP B 55 52.12 22.16 -1.30
N GLY B 56 51.24 23.02 -1.82
CA GLY B 56 51.58 23.79 -3.00
C GLY B 56 51.59 23.01 -4.29
N LEU B 57 51.01 21.81 -4.31
CA LEU B 57 50.98 21.00 -5.51
C LEU B 57 49.69 21.16 -6.30
N ARG B 58 48.63 21.68 -5.69
CA ARG B 58 47.31 21.73 -6.30
C ARG B 58 46.70 23.12 -6.14
N TRP B 59 46.13 23.63 -7.24
CA TRP B 59 45.39 24.88 -7.23
C TRP B 59 44.06 24.64 -7.93
N SER B 60 43.01 25.30 -7.44
CA SER B 60 41.70 25.15 -8.05
C SER B 60 40.88 26.40 -7.78
N THR B 61 39.89 26.63 -8.64
CA THR B 61 38.95 27.72 -8.42
C THR B 61 38.05 27.41 -7.23
N THR B 62 37.67 28.47 -6.51
CA THR B 62 36.75 28.38 -5.38
C THR B 62 35.48 29.17 -5.61
N GLU B 63 35.30 29.72 -6.82
CA GLU B 63 34.16 30.52 -7.21
C GLU B 63 33.59 29.93 -8.49
N GLN B 64 32.27 29.95 -8.63
CA GLN B 64 31.68 29.27 -9.77
C GLN B 64 31.91 30.09 -11.04
N LEU B 65 32.22 29.38 -12.13
CA LEU B 65 32.63 30.01 -13.37
C LEU B 65 31.43 30.31 -14.25
N GLY B 66 31.53 31.39 -15.02
CA GLY B 66 30.40 31.89 -15.76
C GLY B 66 30.31 31.39 -17.18
N TYR B 67 29.09 31.40 -17.71
CA TYR B 67 28.86 31.13 -19.11
C TYR B 67 29.38 32.29 -19.96
N ASN B 68 29.68 31.95 -21.20
CA ASN B 68 30.07 32.92 -22.24
C ASN B 68 31.29 33.70 -21.76
N ARG B 69 32.32 33.03 -21.25
CA ARG B 69 33.52 33.70 -20.74
C ARG B 69 34.80 33.11 -21.33
N ARG B 70 35.81 33.92 -21.62
CA ARG B 70 37.15 33.49 -22.04
C ARG B 70 38.07 33.70 -20.85
N TYR B 71 38.59 32.61 -20.30
CA TYR B 71 39.41 32.66 -19.09
C TYR B 71 40.86 32.44 -19.45
N THR B 72 41.74 33.31 -18.93
CA THR B 72 43.18 33.21 -19.15
C THR B 72 43.85 32.79 -17.85
N LEU B 73 44.65 31.73 -17.91
CA LEU B 73 45.29 31.15 -16.74
C LEU B 73 46.80 31.29 -16.86
N ASN B 74 47.45 31.68 -15.76
CA ASN B 74 48.90 31.83 -15.72
C ASN B 74 49.42 31.19 -14.45
N ALA B 75 50.30 30.21 -14.61
CA ALA B 75 50.84 29.45 -13.49
C ALA B 75 52.35 29.34 -13.60
N THR B 76 53.03 29.54 -12.48
CA THR B 76 54.48 29.41 -12.38
C THR B 76 54.81 28.28 -11.42
N ALA B 77 55.77 27.44 -11.82
CA ALA B 77 56.18 26.29 -11.03
C ALA B 77 57.69 26.27 -10.90
N LEU B 78 58.18 26.06 -9.68
CA LEU B 78 59.61 26.04 -9.38
C LEU B 78 59.97 24.67 -8.83
N GLY B 79 60.98 24.04 -9.44
CA GLY B 79 61.46 22.74 -9.02
C GLY B 79 62.85 22.82 -8.43
N LEU B 80 63.30 21.67 -7.90
CA LEU B 80 64.66 21.59 -7.37
C LEU B 80 65.67 22.06 -8.42
N GLY B 81 65.47 21.68 -9.67
CA GLY B 81 66.27 22.16 -10.77
C GLY B 81 65.42 22.75 -11.87
N GLY B 82 65.41 24.08 -11.98
CA GLY B 82 64.69 24.76 -13.04
C GLY B 82 63.32 25.23 -12.59
N ALA B 83 62.68 26.00 -13.48
CA ALA B 83 61.36 26.55 -13.26
C ALA B 83 60.49 26.25 -14.47
N ALA B 84 59.23 26.69 -14.40
CA ALA B 84 58.28 26.46 -15.49
C ALA B 84 57.14 27.46 -15.36
N THR B 85 56.74 28.04 -16.49
CA THR B 85 55.62 28.95 -16.56
C THR B 85 54.75 28.55 -17.75
N ARG B 86 53.45 28.81 -17.63
CA ARG B 86 52.52 28.44 -18.68
C ARG B 86 51.34 29.40 -18.67
N GLN B 87 50.74 29.56 -19.86
CA GLN B 87 49.57 30.40 -20.05
C GLN B 87 48.53 29.61 -20.83
N LEU B 88 47.32 29.50 -20.27
CA LEU B 88 46.22 28.79 -20.90
C LEU B 88 45.05 29.75 -21.10
N THR B 89 44.40 29.62 -22.25
CA THR B 89 43.18 30.37 -22.55
C THR B 89 42.15 29.36 -23.02
N PHE B 90 40.99 29.36 -22.35
CA PHE B 90 39.89 28.48 -22.71
C PHE B 90 38.58 29.24 -22.59
N GLN B 91 37.61 28.89 -23.42
CA GLN B 91 36.31 29.54 -23.41
C GLN B 91 35.25 28.56 -22.91
N THR B 92 34.46 29.02 -21.95
CA THR B 92 33.42 28.19 -21.36
C THR B 92 32.18 28.15 -22.26
N SER B 93 31.27 27.23 -21.92
CA SER B 93 30.08 27.02 -22.71
C SER B 93 29.30 28.31 -22.91
N SER B 94 28.69 28.45 -24.09
CA SER B 94 27.82 29.59 -24.40
C SER B 94 26.41 29.04 -24.63
N PRO B 95 25.55 29.06 -23.62
CA PRO B 95 24.22 28.45 -23.80
C PRO B 95 23.40 29.19 -24.85
N ALA B 96 22.47 28.45 -25.46
CA ALA B 96 21.46 29.04 -26.31
C ALA B 96 20.21 29.44 -25.54
N HIS B 97 19.96 28.80 -24.39
CA HIS B 97 18.76 29.04 -23.59
C HIS B 97 19.05 28.54 -22.19
N LEU B 98 18.61 29.30 -21.19
CA LEU B 98 18.75 28.89 -19.80
C LEU B 98 17.40 28.38 -19.27
N THR B 99 17.48 27.58 -18.20
CA THR B 99 16.30 27.05 -17.54
C THR B 99 16.55 26.99 -16.04
N MET B 100 15.53 27.33 -15.26
CA MET B 100 15.64 27.35 -13.81
C MET B 100 14.89 26.17 -13.21
N PRO B 101 15.52 25.35 -12.38
CA PRO B 101 14.78 24.27 -11.72
C PRO B 101 14.09 24.72 -10.44
N TYR B 102 12.88 24.18 -10.25
CA TYR B 102 12.11 24.37 -9.03
C TYR B 102 11.84 22.99 -8.44
N VAL B 103 12.03 22.85 -7.14
CA VAL B 103 12.00 21.54 -6.48
C VAL B 103 10.98 21.58 -5.35
N MET B 104 10.15 20.56 -5.27
CA MET B 104 9.24 20.30 -4.16
C MET B 104 9.42 18.86 -3.71
N PRO B 105 9.18 18.57 -2.42
CA PRO B 105 8.67 19.49 -1.39
C PRO B 105 9.70 20.49 -0.89
N GLY B 106 9.30 21.33 0.07
CA GLY B 106 10.17 22.38 0.54
C GLY B 106 11.28 21.90 1.45
N ASP B 107 12.27 22.76 1.64
CA ASP B 107 13.43 22.41 2.43
C ASP B 107 13.08 22.40 3.91
N GLY B 108 13.54 21.35 4.60
CA GLY B 108 13.26 21.18 6.02
C GLY B 108 11.88 20.65 6.33
N GLU B 109 11.02 20.48 5.33
CA GLU B 109 9.66 20.05 5.59
C GLU B 109 9.61 18.57 5.97
N VAL B 110 8.58 18.21 6.73
CA VAL B 110 8.23 16.83 7.02
C VAL B 110 6.98 16.49 6.23
N VAL B 111 7.05 15.40 5.46
CA VAL B 111 6.02 15.07 4.48
C VAL B 111 5.60 13.61 4.65
N GLY B 112 4.48 13.27 4.02
CA GLY B 112 3.90 11.95 4.13
C GLY B 112 4.68 10.90 3.34
N VAL B 113 4.24 9.65 3.51
CA VAL B 113 4.94 8.52 2.92
C VAL B 113 4.72 8.38 1.42
N GLY B 114 3.88 9.22 0.82
CA GLY B 114 3.63 9.16 -0.60
C GLY B 114 4.21 10.33 -1.36
N GLU B 115 4.88 11.23 -0.65
CA GLU B 115 5.40 12.45 -1.28
C GLU B 115 6.58 12.13 -2.17
N PRO B 116 6.50 12.37 -3.48
CA PRO B 116 7.66 12.14 -4.35
C PRO B 116 8.49 13.40 -4.53
N VAL B 117 9.74 13.18 -4.92
CA VAL B 117 10.64 14.27 -5.25
C VAL B 117 10.27 14.78 -6.64
N ALA B 118 10.12 16.11 -6.76
CA ALA B 118 9.72 16.74 -8.01
C ALA B 118 10.74 17.80 -8.39
N ILE B 119 11.18 17.78 -9.65
CA ILE B 119 11.98 18.84 -10.23
C ILE B 119 11.20 19.37 -11.42
N ARG B 120 10.92 20.67 -11.42
CA ARG B 120 10.13 21.32 -12.46
C ARG B 120 10.95 22.45 -13.08
N PHE B 121 11.18 22.36 -14.38
CA PHE B 121 11.89 23.39 -15.12
C PHE B 121 10.91 24.33 -15.81
N ASP B 122 11.33 25.59 -15.98
CA ASP B 122 10.51 26.59 -16.65
C ASP B 122 10.65 26.56 -18.17
N GLU B 123 11.40 25.60 -18.70
CA GLU B 123 11.54 25.42 -20.14
C GLU B 123 11.51 23.92 -20.43
N ASN B 124 11.21 23.60 -21.69
CA ASN B 124 11.18 22.20 -22.11
C ASN B 124 12.58 21.62 -22.11
N ILE B 125 12.67 20.34 -21.77
CA ILE B 125 13.93 19.61 -21.71
C ILE B 125 13.93 18.58 -22.83
N ALA B 126 14.90 18.70 -23.75
CA ALA B 126 14.99 17.81 -24.89
C ALA B 126 15.90 16.61 -24.63
N ASP B 127 16.78 16.68 -23.63
CA ASP B 127 17.67 15.58 -23.27
C ASP B 127 17.33 15.18 -21.83
N ARG B 128 16.25 14.42 -21.68
CA ARG B 128 15.82 14.04 -20.34
C ARG B 128 16.89 13.23 -19.62
N GLY B 129 17.61 12.37 -20.34
CA GLY B 129 18.67 11.60 -19.73
C GLY B 129 19.71 12.49 -19.06
N ALA B 130 20.11 13.56 -19.73
CA ALA B 130 21.08 14.48 -19.15
C ALA B 130 20.54 15.10 -17.87
N ALA B 131 19.24 15.36 -17.83
CA ALA B 131 18.64 15.94 -16.63
C ALA B 131 18.71 14.97 -15.45
N GLU B 132 18.25 13.74 -15.64
CA GLU B 132 18.24 12.77 -14.55
C GLU B 132 19.65 12.57 -13.97
N LYS B 133 20.65 12.49 -14.85
CA LYS B 133 22.02 12.32 -14.39
C LYS B 133 22.49 13.49 -13.54
N ALA B 134 21.87 14.66 -13.69
CA ALA B 134 22.30 15.83 -12.95
C ALA B 134 21.70 15.92 -11.55
N ILE B 135 20.63 15.17 -11.29
CA ILE B 135 19.99 15.16 -9.97
C ILE B 135 20.59 14.01 -9.16
N LYS B 136 21.09 14.33 -7.97
CA LYS B 136 21.68 13.34 -7.07
C LYS B 136 20.81 13.24 -5.82
N ILE B 137 20.03 12.17 -5.74
CA ILE B 137 19.12 11.95 -4.62
C ILE B 137 19.76 10.95 -3.68
N THR B 138 19.91 11.34 -2.41
CA THR B 138 20.41 10.46 -1.36
C THR B 138 19.26 10.10 -0.43
N THR B 139 19.28 8.86 0.05
CA THR B 139 18.22 8.34 0.92
C THR B 139 18.84 7.68 2.14
N ASN B 140 18.20 7.88 3.29
CA ASN B 140 18.65 7.29 4.55
C ASN B 140 17.44 7.04 5.45
N PRO B 141 17.01 5.79 5.63
CA PRO B 141 17.61 4.54 5.12
C PRO B 141 17.64 4.45 3.60
N PRO B 142 18.74 3.94 3.03
CA PRO B 142 18.81 3.79 1.57
C PRO B 142 17.62 3.01 1.03
N VAL B 143 17.12 3.46 -0.12
CA VAL B 143 15.99 2.80 -0.78
C VAL B 143 16.02 3.19 -2.25
N GLU B 144 15.60 2.26 -3.10
CA GLU B 144 15.72 2.39 -4.54
C GLU B 144 14.52 3.12 -5.14
N GLY B 145 14.81 4.04 -6.05
CA GLY B 145 13.79 4.74 -6.80
C GLY B 145 14.25 4.98 -8.23
N ALA B 146 13.38 5.64 -9.00
CA ALA B 146 13.64 5.89 -10.41
C ALA B 146 12.92 7.15 -10.86
N PHE B 147 13.39 7.71 -11.97
CA PHE B 147 12.83 8.92 -12.54
C PHE B 147 11.72 8.59 -13.54
N TYR B 148 10.68 9.43 -13.56
CA TYR B 148 9.63 9.34 -14.57
C TYR B 148 9.13 10.76 -14.83
N TRP B 149 8.85 11.05 -16.09
CA TRP B 149 8.50 12.41 -16.52
C TRP B 149 6.98 12.52 -16.67
N LEU B 150 6.39 13.46 -15.92
CA LEU B 150 4.94 13.69 -16.00
C LEU B 150 4.58 14.52 -17.23
N ASN B 151 5.44 15.45 -17.61
CA ASN B 151 5.27 16.24 -18.83
C ASN B 151 6.65 16.67 -19.31
N ASN B 152 6.66 17.52 -20.35
CA ASN B 152 7.93 17.91 -20.96
C ASN B 152 8.82 18.70 -20.01
N ARG B 153 8.29 19.20 -18.90
CA ARG B 153 9.04 20.11 -18.03
C ARG B 153 9.24 19.61 -16.61
N GLU B 154 8.53 18.57 -16.17
CA GLU B 154 8.58 18.14 -14.79
C GLU B 154 8.90 16.65 -14.70
N VAL B 155 9.86 16.31 -13.84
CA VAL B 155 10.28 14.93 -13.61
C VAL B 155 10.08 14.61 -12.14
N ARG B 156 9.70 13.36 -11.86
CA ARG B 156 9.42 12.90 -10.51
C ARG B 156 10.29 11.70 -10.18
N TRP B 157 10.46 11.44 -8.88
CA TRP B 157 11.33 10.37 -8.40
C TRP B 157 10.73 9.79 -7.13
N ARG B 158 10.52 8.47 -7.12
CA ARG B 158 9.94 7.80 -5.97
C ARG B 158 10.38 6.35 -5.97
N PRO B 159 10.34 5.68 -4.82
CA PRO B 159 10.62 4.24 -4.77
C PRO B 159 9.39 3.44 -5.18
N GLU B 160 9.53 2.12 -5.10
CA GLU B 160 8.45 1.22 -5.53
C GLU B 160 7.28 1.26 -4.55
N HIS B 161 7.56 1.13 -3.26
CA HIS B 161 6.54 1.20 -2.22
C HIS B 161 6.63 2.55 -1.50
N PHE B 162 5.63 2.82 -0.67
CA PHE B 162 5.59 4.07 0.08
C PHE B 162 6.84 4.21 0.95
N TRP B 163 7.18 5.45 1.26
CA TRP B 163 8.37 5.71 2.05
C TRP B 163 8.26 5.07 3.43
N LYS B 164 9.38 4.59 3.94
CA LYS B 164 9.43 4.10 5.31
C LYS B 164 9.60 5.28 6.25
N PRO B 165 8.67 5.49 7.20
CA PRO B 165 8.82 6.63 8.11
C PRO B 165 10.23 6.76 8.68
N GLY B 166 10.60 7.99 9.03
CA GLY B 166 11.93 8.27 9.50
C GLY B 166 12.98 8.42 8.42
N THR B 167 12.57 8.46 7.16
CA THR B 167 13.49 8.49 6.04
C THR B 167 13.89 9.92 5.72
N ALA B 168 15.19 10.17 5.69
CA ALA B 168 15.73 11.45 5.25
C ALA B 168 16.01 11.37 3.76
N VAL B 169 15.55 12.39 3.01
CA VAL B 169 15.75 12.47 1.57
C VAL B 169 16.49 13.76 1.27
N ASP B 170 17.57 13.65 0.50
CA ASP B 170 18.40 14.78 0.11
C ASP B 170 18.46 14.87 -1.41
N VAL B 171 18.16 16.04 -1.96
CA VAL B 171 18.08 16.24 -3.40
C VAL B 171 19.08 17.33 -3.78
N ALA B 172 20.01 17.00 -4.68
CA ALA B 172 20.97 17.95 -5.22
C ALA B 172 20.75 18.01 -6.72
N VAL B 173 20.16 19.10 -7.18
CA VAL B 173 19.93 19.32 -8.61
C VAL B 173 21.13 20.11 -9.13
N ASN B 174 22.09 19.40 -9.70
CA ASN B 174 23.35 20.00 -10.16
C ASN B 174 23.32 20.26 -11.66
N THR B 175 22.37 21.11 -12.06
CA THR B 175 22.11 21.40 -13.46
C THR B 175 22.95 22.53 -14.01
N TYR B 176 23.58 23.32 -13.15
CA TYR B 176 24.41 24.43 -13.63
C TYR B 176 25.63 23.88 -14.35
N GLY B 177 25.84 24.35 -15.58
CA GLY B 177 26.94 23.87 -16.40
C GLY B 177 26.67 22.60 -17.15
N VAL B 178 25.40 22.22 -17.32
CA VAL B 178 25.02 20.96 -17.95
C VAL B 178 24.21 21.28 -19.20
N ASP B 179 24.55 20.61 -20.30
CA ASP B 179 23.81 20.74 -21.55
C ASP B 179 22.60 19.82 -21.49
N LEU B 180 21.42 20.40 -21.33
CA LEU B 180 20.17 19.65 -21.23
C LEU B 180 19.53 19.40 -22.58
N GLY B 181 20.21 19.71 -23.68
CA GLY B 181 19.69 19.46 -24.99
C GLY B 181 19.45 20.74 -25.76
N GLU B 182 19.81 20.73 -27.04
CA GLU B 182 19.60 21.88 -27.93
C GLU B 182 20.09 23.18 -27.29
N GLY B 183 21.28 23.11 -26.67
CA GLY B 183 21.87 24.30 -26.09
C GLY B 183 21.23 24.79 -24.82
N MET B 184 20.30 24.03 -24.25
CA MET B 184 19.67 24.39 -22.98
C MET B 184 20.64 24.09 -21.84
N PHE B 185 20.85 25.07 -20.96
CA PHE B 185 21.74 24.92 -19.83
C PHE B 185 21.05 25.38 -18.55
N GLY B 186 21.52 24.84 -17.43
CA GLY B 186 20.91 25.15 -16.15
C GLY B 186 21.30 26.53 -15.66
N GLU B 187 20.30 27.33 -15.32
CA GLU B 187 20.56 28.65 -14.76
C GLU B 187 21.24 28.57 -13.41
N ASP B 188 20.99 27.52 -12.65
CA ASP B 188 21.48 27.44 -11.27
C ASP B 188 21.33 26.01 -10.77
N ASN B 189 21.88 25.76 -9.59
CA ASN B 189 21.74 24.50 -8.89
C ASN B 189 20.84 24.69 -7.68
N VAL B 190 19.92 23.75 -7.47
CA VAL B 190 18.95 23.83 -6.38
C VAL B 190 19.20 22.67 -5.43
N GLN B 191 19.17 22.96 -4.14
CA GLN B 191 19.39 21.99 -3.07
C GLN B 191 18.22 22.03 -2.11
N THR B 192 17.64 20.86 -1.81
CA THR B 192 16.60 20.77 -0.81
C THR B 192 16.78 19.47 -0.03
N HIS B 193 16.15 19.42 1.15
CA HIS B 193 16.23 18.24 2.00
C HIS B 193 14.99 18.21 2.88
N PHE B 194 14.26 17.09 2.83
CA PHE B 194 13.07 16.92 3.65
C PHE B 194 13.16 15.58 4.38
N THR B 195 12.17 15.33 5.23
CA THR B 195 12.12 14.13 6.06
C THR B 195 10.74 13.51 5.93
N ILE B 196 10.68 12.19 6.06
CA ILE B 196 9.42 11.46 5.96
C ILE B 196 8.81 11.31 7.34
N GLY B 197 7.53 11.63 7.46
CA GLY B 197 6.83 11.60 8.73
C GLY B 197 6.07 10.31 8.95
N ASP B 198 5.07 10.39 9.83
CA ASP B 198 4.26 9.22 10.15
C ASP B 198 3.49 8.73 8.93
N GLU B 199 3.25 7.43 8.89
CA GLU B 199 2.41 6.84 7.85
C GLU B 199 0.95 7.23 8.09
N VAL B 200 0.35 7.87 7.09
CA VAL B 200 -1.05 8.31 7.17
C VAL B 200 -1.71 7.94 5.85
N ILE B 201 -2.47 6.85 5.85
CA ILE B 201 -3.18 6.38 4.68
C ILE B 201 -4.68 6.48 4.98
N ALA B 202 -5.38 7.31 4.21
CA ALA B 202 -6.82 7.47 4.33
C ALA B 202 -7.48 6.83 3.11
N THR B 203 -8.41 5.91 3.36
CA THR B 203 -9.07 5.15 2.31
C THR B 203 -10.54 5.53 2.23
N ALA B 204 -11.06 5.58 1.01
CA ALA B 204 -12.46 5.94 0.75
C ALA B 204 -13.10 4.80 -0.05
N ASP B 205 -13.94 4.01 0.61
CA ASP B 205 -14.60 2.88 -0.01
C ASP B 205 -15.98 3.30 -0.49
N ASP B 206 -16.28 3.02 -1.76
CA ASP B 206 -17.57 3.37 -2.34
C ASP B 206 -18.67 2.37 -1.98
N ASN B 207 -18.31 1.17 -1.55
CA ASN B 207 -19.31 0.20 -1.13
C ASN B 207 -19.93 0.59 0.20
N THR B 208 -19.12 1.14 1.11
CA THR B 208 -19.60 1.68 2.38
C THR B 208 -19.74 3.19 2.36
N LYS B 209 -19.07 3.87 1.42
CA LYS B 209 -19.08 5.32 1.33
C LYS B 209 -18.66 5.95 2.67
N ILE B 210 -17.64 5.35 3.27
CA ILE B 210 -16.97 5.87 4.46
C ILE B 210 -15.52 6.17 4.07
N LEU B 211 -14.95 7.18 4.71
CA LEU B 211 -13.54 7.55 4.51
C LEU B 211 -12.81 7.35 5.83
N THR B 212 -11.85 6.41 5.84
CA THR B 212 -11.19 5.97 7.05
C THR B 212 -9.73 6.41 7.04
N VAL B 213 -9.32 7.10 8.11
CA VAL B 213 -7.96 7.60 8.25
C VAL B 213 -7.19 6.66 9.18
N ARG B 214 -6.04 6.18 8.71
CA ARG B 214 -5.18 5.28 9.48
C ARG B 214 -3.82 5.92 9.67
N VAL B 215 -3.42 6.09 10.92
CA VAL B 215 -2.12 6.63 11.28
C VAL B 215 -1.28 5.48 11.82
N ASN B 216 -0.24 5.09 11.05
CA ASN B 216 0.64 4.01 11.45
C ASN B 216 -0.14 2.71 11.65
N GLY B 217 -1.18 2.52 10.85
CA GLY B 217 -1.97 1.30 10.88
C GLY B 217 -3.19 1.33 11.77
N GLU B 218 -3.36 2.36 12.59
CA GLU B 218 -4.47 2.43 13.54
C GLU B 218 -5.56 3.37 13.04
N VAL B 219 -6.80 2.93 13.12
CA VAL B 219 -7.96 3.74 12.73
C VAL B 219 -8.11 4.86 13.75
N VAL B 220 -7.85 6.10 13.33
CA VAL B 220 -7.96 7.26 14.22
C VAL B 220 -9.16 8.12 13.90
N LYS B 221 -9.84 7.89 12.78
CA LYS B 221 -11.02 8.69 12.42
C LYS B 221 -11.77 7.97 11.31
N SER B 222 -13.10 8.11 11.35
CA SER B 222 -13.98 7.46 10.37
C SER B 222 -15.03 8.48 9.93
N MET B 223 -14.88 8.97 8.70
CA MET B 223 -15.68 10.09 8.22
C MET B 223 -16.73 9.60 7.23
N PRO B 224 -18.02 9.81 7.49
CA PRO B 224 -19.02 9.63 6.43
C PRO B 224 -18.75 10.62 5.30
N THR B 225 -18.75 10.11 4.07
CA THR B 225 -18.44 10.94 2.91
C THR B 225 -19.43 10.67 1.79
N SER B 226 -19.52 11.64 0.87
CA SER B 226 -20.29 11.52 -0.35
C SER B 226 -19.38 11.86 -1.52
N MET B 227 -19.19 10.92 -2.44
CA MET B 227 -18.24 11.08 -3.52
C MET B 227 -18.98 11.55 -4.78
N GLY B 228 -18.33 11.42 -5.94
CA GLY B 228 -18.90 11.94 -7.17
C GLY B 228 -20.08 11.10 -7.64
N LYS B 229 -21.10 11.78 -8.17
CA LYS B 229 -22.28 11.11 -8.66
C LYS B 229 -21.96 10.31 -9.93
N ASP B 230 -22.89 9.42 -10.29
CA ASP B 230 -22.66 8.52 -11.41
C ASP B 230 -22.28 9.28 -12.68
N SER B 231 -22.84 10.47 -12.89
CA SER B 231 -22.54 11.23 -14.10
C SER B 231 -21.19 11.93 -14.03
N THR B 232 -20.78 12.36 -12.83
CA THR B 232 -19.50 13.03 -12.63
C THR B 232 -18.75 12.32 -11.50
N PRO B 233 -18.38 11.07 -11.71
CA PRO B 233 -17.89 10.24 -10.60
C PRO B 233 -16.47 10.57 -10.19
N THR B 234 -16.16 10.22 -8.94
CA THR B 234 -14.80 10.23 -8.44
C THR B 234 -14.07 8.99 -8.95
N ALA B 235 -12.90 9.18 -9.53
CA ALA B 235 -12.14 8.07 -10.09
C ALA B 235 -11.43 7.29 -9.00
N ASN B 236 -11.27 5.99 -9.24
CA ASN B 236 -10.55 5.14 -8.29
C ASN B 236 -9.05 5.45 -8.34
N GLY B 237 -8.30 4.76 -7.50
CA GLY B 237 -6.85 4.86 -7.49
C GLY B 237 -6.34 5.57 -6.24
N ILE B 238 -5.04 5.84 -6.25
CA ILE B 238 -4.36 6.47 -5.12
C ILE B 238 -4.17 7.95 -5.42
N TYR B 239 -4.20 8.75 -4.37
CA TYR B 239 -4.03 10.19 -4.46
C TYR B 239 -3.00 10.65 -3.45
N ILE B 240 -2.11 11.55 -3.85
CA ILE B 240 -1.17 12.18 -2.94
C ILE B 240 -1.80 13.49 -2.47
N VAL B 241 -1.65 13.78 -1.19
CA VAL B 241 -2.23 14.99 -0.60
C VAL B 241 -1.30 16.16 -0.87
N GLY B 242 -1.88 17.27 -1.31
CA GLY B 242 -1.11 18.45 -1.67
C GLY B 242 -1.34 19.63 -0.75
N SER B 243 -2.04 20.65 -1.24
CA SER B 243 -2.21 21.89 -0.50
C SER B 243 -3.43 21.84 0.41
N ARG B 244 -3.44 22.75 1.38
CA ARG B 244 -4.50 22.83 2.39
C ARG B 244 -4.98 24.28 2.47
N TYR B 245 -6.30 24.46 2.46
CA TYR B 245 -6.89 25.79 2.47
C TYR B 245 -7.95 25.90 3.55
N LYS B 246 -7.94 27.02 4.27
CA LYS B 246 -9.06 27.35 5.14
C LYS B 246 -10.34 27.51 4.33
N HIS B 247 -10.25 28.21 3.20
CA HIS B 247 -11.35 28.30 2.25
C HIS B 247 -10.74 28.61 0.89
N ILE B 248 -11.46 28.21 -0.17
CA ILE B 248 -10.99 28.45 -1.53
C ILE B 248 -12.22 28.48 -2.43
N ILE B 249 -12.19 29.37 -3.42
CA ILE B 249 -13.28 29.49 -4.39
C ILE B 249 -13.08 28.38 -5.43
N MET B 250 -13.94 27.37 -5.38
CA MET B 250 -13.87 26.24 -6.31
C MET B 250 -14.45 26.72 -7.65
N ASP B 251 -13.59 27.25 -8.50
CA ASP B 251 -13.98 27.66 -9.84
C ASP B 251 -13.69 26.52 -10.81
N SER B 252 -14.75 26.05 -11.49
CA SER B 252 -14.61 24.88 -12.36
C SER B 252 -13.72 25.18 -13.56
N SER B 253 -13.84 26.39 -14.12
CA SER B 253 -13.04 26.72 -15.29
C SER B 253 -11.55 26.61 -15.01
N THR B 254 -11.13 26.81 -13.75
CA THR B 254 -9.74 26.56 -13.39
C THR B 254 -9.30 25.17 -13.84
N TYR B 255 -10.21 24.21 -13.80
CA TYR B 255 -9.96 22.87 -14.33
C TYR B 255 -10.49 22.79 -15.74
N GLY B 256 -11.39 21.85 -16.01
CA GLY B 256 -11.84 21.65 -17.38
C GLY B 256 -13.10 22.40 -17.75
N VAL B 257 -14.24 21.96 -17.23
CA VAL B 257 -15.53 22.48 -17.72
C VAL B 257 -15.71 23.91 -17.24
N PRO B 258 -16.18 24.83 -18.10
CA PRO B 258 -16.47 26.19 -17.63
C PRO B 258 -17.74 26.22 -16.79
N VAL B 259 -17.94 27.36 -16.12
CA VAL B 259 -19.01 27.48 -15.14
C VAL B 259 -20.38 27.36 -15.81
N ASN B 260 -20.52 27.83 -17.05
CA ASN B 260 -21.80 27.79 -17.72
C ASN B 260 -22.24 26.38 -18.08
N SER B 261 -21.35 25.39 -17.98
CA SER B 261 -21.70 24.03 -18.33
C SER B 261 -22.83 23.53 -17.43
N PRO B 262 -23.65 22.59 -17.90
CA PRO B 262 -24.74 22.08 -17.05
C PRO B 262 -24.22 21.44 -15.78
N ASN B 263 -23.15 20.65 -15.88
CA ASN B 263 -22.43 20.16 -14.71
C ASN B 263 -21.21 21.05 -14.47
N GLY B 264 -21.50 22.29 -14.07
CA GLY B 264 -20.47 23.26 -13.80
C GLY B 264 -20.75 23.96 -12.47
N TYR B 265 -19.75 24.66 -11.97
CA TYR B 265 -19.84 25.22 -10.62
C TYR B 265 -18.87 26.39 -10.46
N ARG B 266 -19.13 27.19 -9.44
CA ARG B 266 -18.21 28.23 -8.97
C ARG B 266 -18.69 28.67 -7.61
N THR B 267 -18.25 27.98 -6.55
CA THR B 267 -18.76 28.19 -5.20
C THR B 267 -17.60 28.15 -4.22
N ASP B 268 -17.83 28.74 -3.05
CA ASP B 268 -16.81 28.88 -2.01
C ASP B 268 -16.99 27.80 -0.97
N VAL B 269 -15.92 27.06 -0.68
CA VAL B 269 -15.95 25.96 0.28
C VAL B 269 -14.86 26.18 1.32
N ASP B 270 -15.06 25.56 2.48
CA ASP B 270 -14.14 25.66 3.60
C ASP B 270 -13.38 24.36 3.81
N TRP B 271 -12.24 24.47 4.49
CA TRP B 271 -11.40 23.33 4.87
C TRP B 271 -11.21 22.35 3.71
N ALA B 272 -10.67 22.86 2.60
CA ALA B 272 -10.47 22.06 1.40
C ALA B 272 -9.02 21.60 1.32
N THR B 273 -8.83 20.31 1.07
CA THR B 273 -7.50 19.72 0.93
C THR B 273 -7.40 19.06 -0.44
N GLN B 274 -6.44 19.49 -1.25
CA GLN B 274 -6.29 19.00 -2.61
C GLN B 274 -5.60 17.65 -2.61
N ILE B 275 -6.17 16.69 -3.35
CA ILE B 275 -5.55 15.38 -3.53
C ILE B 275 -5.34 15.02 -4.99
N SER B 276 -5.73 15.89 -5.93
CA SER B 276 -5.42 15.69 -7.33
C SER B 276 -5.34 17.04 -8.04
N TYR B 277 -4.51 17.09 -9.08
CA TYR B 277 -4.49 18.28 -9.93
C TYR B 277 -5.79 18.44 -10.69
N SER B 278 -6.46 17.33 -11.01
CA SER B 278 -7.69 17.37 -11.77
C SER B 278 -8.85 17.98 -11.00
N GLY B 279 -8.68 18.25 -9.71
CA GLY B 279 -9.67 18.98 -8.93
C GLY B 279 -10.37 18.22 -7.83
N VAL B 280 -9.92 17.02 -7.49
CA VAL B 280 -10.53 16.26 -6.41
C VAL B 280 -10.05 16.81 -5.07
N PHE B 281 -10.99 17.09 -4.18
CA PHE B 281 -10.69 17.68 -2.88
C PHE B 281 -11.43 16.95 -1.77
N VAL B 282 -10.89 17.07 -0.56
CA VAL B 282 -11.58 16.72 0.68
C VAL B 282 -11.94 18.04 1.34
N HIS B 283 -13.23 18.36 1.40
CA HIS B 283 -13.67 19.65 1.89
C HIS B 283 -14.97 19.50 2.68
N SER B 284 -15.34 20.59 3.35
CA SER B 284 -16.58 20.64 4.12
C SER B 284 -17.76 20.85 3.19
N ALA B 285 -18.79 20.00 3.33
CA ALA B 285 -19.97 20.03 2.49
C ALA B 285 -21.22 19.96 3.37
N PRO B 286 -21.61 21.07 3.99
CA PRO B 286 -22.84 21.03 4.81
C PRO B 286 -24.08 20.72 4.01
N TRP B 287 -24.12 21.08 2.73
CA TRP B 287 -25.30 20.85 1.90
C TRP B 287 -25.55 19.38 1.61
N SER B 288 -24.63 18.49 1.99
CA SER B 288 -24.77 17.08 1.66
C SER B 288 -24.51 16.17 2.87
N VAL B 289 -24.61 16.70 4.08
CA VAL B 289 -24.58 15.83 5.26
C VAL B 289 -25.67 14.78 5.16
N GLY B 290 -26.79 15.11 4.52
CA GLY B 290 -27.85 14.12 4.36
C GLY B 290 -27.40 12.90 3.57
N ALA B 291 -26.56 13.11 2.55
CA ALA B 291 -26.12 12.03 1.70
C ALA B 291 -24.80 11.41 2.15
N GLN B 292 -24.00 12.13 2.95
CA GLN B 292 -22.71 11.62 3.39
C GLN B 292 -22.88 10.27 4.09
N GLY B 293 -22.18 9.27 3.58
CA GLY B 293 -22.30 7.92 4.10
C GLY B 293 -23.43 7.11 3.52
N HIS B 294 -24.12 7.62 2.48
CA HIS B 294 -25.26 6.92 1.92
C HIS B 294 -25.17 6.88 0.39
N THR B 295 -25.19 8.03 -0.27
CA THR B 295 -25.18 8.08 -1.72
C THR B 295 -24.27 9.22 -2.19
N ASN B 296 -23.81 9.09 -3.44
CA ASN B 296 -22.88 10.04 -4.03
C ASN B 296 -23.64 11.15 -4.73
N THR B 297 -23.24 12.41 -4.47
CA THR B 297 -23.95 13.56 -4.97
C THR B 297 -23.07 14.66 -5.54
N SER B 298 -21.75 14.55 -5.44
CA SER B 298 -20.86 15.66 -5.75
C SER B 298 -20.42 15.65 -7.21
N HIS B 299 -19.71 16.71 -7.59
CA HIS B 299 -19.12 16.79 -8.93
C HIS B 299 -17.82 16.00 -9.04
N GLY B 300 -17.25 15.58 -7.91
CA GLY B 300 -16.01 14.79 -7.95
C GLY B 300 -15.30 14.76 -6.60
N CYS B 301 -15.35 15.83 -5.83
CA CYS B 301 -14.61 15.86 -4.53
C CYS B 301 -15.28 14.99 -3.46
N LEU B 302 -14.52 14.66 -2.43
CA LEU B 302 -15.06 13.84 -1.32
C LEU B 302 -15.74 14.80 -0.33
N ASN B 303 -17.06 14.73 -0.27
CA ASN B 303 -17.84 15.61 0.63
C ASN B 303 -17.87 15.01 2.04
N VAL B 304 -17.38 15.77 3.03
CA VAL B 304 -17.42 15.34 4.42
C VAL B 304 -17.99 16.50 5.24
N SER B 305 -18.22 16.24 6.53
CA SER B 305 -18.83 17.25 7.37
C SER B 305 -17.83 18.33 7.72
N PRO B 306 -18.30 19.47 8.23
CA PRO B 306 -17.35 20.51 8.65
C PRO B 306 -16.34 20.03 9.69
N SER B 307 -16.78 19.28 10.71
CA SER B 307 -15.85 18.87 11.75
C SER B 307 -14.81 17.90 11.20
N ASN B 308 -15.20 17.03 10.28
CA ASN B 308 -14.26 16.07 9.70
C ASN B 308 -13.34 16.74 8.70
N ALA B 309 -13.86 17.67 7.88
CA ALA B 309 -13.02 18.41 6.96
C ALA B 309 -11.94 19.17 7.72
N GLN B 310 -12.33 19.90 8.77
CA GLN B 310 -11.34 20.62 9.56
C GLN B 310 -10.36 19.67 10.25
N TRP B 311 -10.87 18.54 10.75
CA TRP B 311 -9.97 17.54 11.30
C TRP B 311 -8.99 17.06 10.23
N PHE B 312 -9.48 16.87 9.01
CA PHE B 312 -8.61 16.47 7.89
C PHE B 312 -7.57 17.55 7.61
N TYR B 313 -8.00 18.82 7.56
CA TYR B 313 -7.07 19.92 7.37
C TYR B 313 -5.96 19.88 8.41
N ASP B 314 -6.33 19.67 9.68
CA ASP B 314 -5.36 19.79 10.76
C ASP B 314 -4.46 18.57 10.87
N HIS B 315 -5.02 17.37 10.70
CA HIS B 315 -4.31 16.13 10.98
C HIS B 315 -3.76 15.44 9.74
N VAL B 316 -3.85 16.08 8.57
CA VAL B 316 -3.25 15.56 7.35
C VAL B 316 -2.22 16.58 6.87
N LYS B 317 -1.05 16.08 6.46
CA LYS B 317 0.02 16.92 5.94
C LYS B 317 0.29 16.55 4.49
N ARG B 318 0.94 17.48 3.78
CA ARG B 318 1.32 17.24 2.39
C ARG B 318 2.08 15.92 2.27
N GLY B 319 1.67 15.10 1.32
CA GLY B 319 2.34 13.84 1.05
C GLY B 319 1.61 12.60 1.54
N ASP B 320 0.62 12.77 2.42
CA ASP B 320 -0.16 11.62 2.85
C ASP B 320 -0.97 11.06 1.69
N ILE B 321 -1.37 9.80 1.83
CA ILE B 321 -2.02 9.07 0.74
C ILE B 321 -3.52 9.03 0.97
N VAL B 322 -4.27 9.26 -0.10
CA VAL B 322 -5.72 9.08 -0.11
C VAL B 322 -6.05 8.09 -1.22
N GLU B 323 -6.68 6.97 -0.85
CA GLU B 323 -6.98 5.91 -1.80
C GLU B 323 -8.49 5.77 -1.96
N VAL B 324 -8.92 5.60 -3.22
CA VAL B 324 -10.33 5.45 -3.58
C VAL B 324 -10.50 4.11 -4.27
N VAL B 325 -11.60 3.42 -3.97
CA VAL B 325 -11.86 2.10 -4.52
C VAL B 325 -13.36 1.91 -4.71
N ASN B 326 -13.71 1.04 -5.66
CA ASN B 326 -15.07 0.57 -5.88
C ASN B 326 -16.02 1.64 -6.41
N THR B 327 -15.49 2.74 -6.94
CA THR B 327 -16.35 3.78 -7.49
C THR B 327 -16.72 3.43 -8.94
N VAL B 328 -17.70 4.18 -9.46
CA VAL B 328 -18.15 3.97 -10.84
C VAL B 328 -17.19 4.54 -11.86
N GLY B 329 -16.17 5.29 -11.44
CA GLY B 329 -15.23 5.88 -12.35
C GLY B 329 -14.09 4.95 -12.71
N GLY B 330 -13.20 5.45 -13.55
CA GLY B 330 -12.03 4.69 -13.94
C GLY B 330 -10.91 4.83 -12.94
N THR B 331 -9.70 5.06 -13.41
CA THR B 331 -8.53 5.24 -12.56
C THR B 331 -7.97 6.65 -12.75
N LEU B 332 -7.56 7.27 -11.66
CA LEU B 332 -6.94 8.58 -11.73
C LEU B 332 -5.71 8.52 -12.63
N PRO B 333 -5.59 9.39 -13.63
CA PRO B 333 -4.40 9.38 -14.48
C PRO B 333 -3.12 9.41 -13.66
N GLY B 334 -2.10 8.68 -14.13
CA GLY B 334 -0.85 8.61 -13.42
C GLY B 334 0.04 9.82 -13.58
N ILE B 335 -0.17 10.59 -14.65
CA ILE B 335 0.59 11.82 -14.88
C ILE B 335 -0.32 13.01 -14.60
N ASP B 336 -1.31 12.78 -13.72
CA ASP B 336 -2.17 13.86 -13.25
C ASP B 336 -1.36 15.01 -12.65
N GLY B 337 -0.20 14.69 -12.05
CA GLY B 337 0.57 15.61 -11.28
C GLY B 337 0.56 15.29 -9.79
N LEU B 338 -0.49 14.63 -9.32
CA LEU B 338 -0.56 14.15 -7.94
C LEU B 338 -0.88 12.67 -7.84
N GLY B 339 -1.18 11.99 -8.94
CA GLY B 339 -1.48 10.58 -8.90
C GLY B 339 -0.35 9.72 -9.42
N ASP B 340 0.87 9.97 -8.93
CA ASP B 340 2.04 9.27 -9.46
C ASP B 340 1.94 7.76 -9.25
N TRP B 341 1.37 7.34 -8.13
CA TRP B 341 1.40 5.93 -7.76
C TRP B 341 0.39 5.08 -8.54
N ASN B 342 -0.41 5.68 -9.41
CA ASN B 342 -1.31 4.90 -10.25
C ASN B 342 -0.62 4.34 -11.48
N ILE B 343 0.66 4.64 -11.68
CA ILE B 343 1.46 4.03 -12.74
C ILE B 343 2.15 2.81 -12.16
N PRO B 344 1.99 1.62 -12.74
CA PRO B 344 2.68 0.45 -12.20
C PRO B 344 4.20 0.64 -12.22
N TRP B 345 4.86 0.04 -11.25
CA TRP B 345 6.29 0.29 -11.04
C TRP B 345 7.12 -0.13 -12.24
N ASP B 346 6.72 -1.19 -12.94
CA ASP B 346 7.46 -1.61 -14.12
C ASP B 346 7.56 -0.47 -15.14
N GLN B 347 6.46 0.27 -15.32
CA GLN B 347 6.47 1.39 -16.25
C GLN B 347 7.26 2.56 -15.67
N TRP B 348 7.17 2.78 -14.36
CA TRP B 348 7.88 3.88 -13.73
C TRP B 348 9.39 3.68 -13.80
N ARG B 349 9.85 2.51 -13.35
CA ARG B 349 11.29 2.22 -13.39
C ARG B 349 11.81 2.31 -14.82
N ALA B 350 11.14 1.65 -15.76
CA ALA B 350 11.56 1.71 -17.16
C ALA B 350 11.79 3.15 -17.60
N GLY B 351 10.95 4.06 -17.15
CA GLY B 351 11.11 5.46 -17.46
C GLY B 351 10.65 5.82 -18.85
N ASN B 352 10.72 7.12 -19.15
CA ASN B 352 10.35 7.62 -20.47
C ASN B 352 11.33 8.69 -20.94
N ALA B 353 12.59 8.60 -20.50
CA ALA B 353 13.61 9.56 -20.89
C ALA B 353 14.05 9.40 -22.34
N LYS B 354 13.67 8.31 -23.00
CA LYS B 354 14.07 8.07 -24.38
C LYS B 354 15.59 7.98 -24.52
S DMS C . -15.02 -20.04 12.57
O DMS C . -15.96 -19.77 11.45
C1 DMS C . -13.68 -21.15 12.02
C2 DMS C . -15.81 -21.13 13.79
C1 EDO D . -25.33 -8.34 17.03
O1 EDO D . -24.44 -7.26 17.29
C2 EDO D . -26.74 -7.82 16.80
O2 EDO D . -26.79 -7.02 15.61
C1 EDO E . -10.33 -3.42 10.29
O1 EDO E . -9.27 -4.38 10.34
C2 EDO E . -10.60 -3.00 8.85
O2 EDO E . -10.92 -4.14 8.05
C1 EDO F . 17.24 8.84 -40.49
O1 EDO F . 17.86 9.60 -39.45
C2 EDO F . 17.16 9.68 -41.76
O2 EDO F . 18.43 10.27 -42.04
C10 KSU G . -20.87 -34.01 32.28
C13 KSU G . -22.08 -33.26 29.80
C15 KSU G . -19.20 -29.53 28.54
C05 KSU G . -20.41 -28.83 29.07
C06 KSU G . -21.14 -29.77 30.00
C08 KSU G . -21.00 -32.37 30.44
C09 KSU G . -20.44 -32.71 31.59
C11 KSU G . -21.80 -34.78 31.74
C12 KSU G . -22.46 -34.38 30.41
C14 KSU G . -19.51 -31.03 28.69
N07 KSU G . -20.58 -31.14 29.77
O16 KSU G . -19.02 -31.92 28.09
O17 KSU G . -21.99 -29.46 30.77
C10 KSU H . -18.78 22.63 -4.61
C13 KSU H . -18.50 21.43 -7.18
C15 KSU H . -15.20 18.35 -7.42
C05 KSU H . -14.20 19.21 -6.72
C06 KSU H . -14.91 20.50 -6.37
C08 KSU H . -17.49 21.12 -6.07
C09 KSU H . -17.62 21.67 -4.87
C11 KSU H . -19.65 22.91 -5.57
C12 KSU H . -19.50 22.26 -6.95
C14 KSU H . -16.52 18.71 -6.70
N07 KSU H . -16.39 20.19 -6.35
O16 KSU H . -17.44 17.99 -6.48
O17 KSU H . -14.41 21.55 -6.16
C1 EDO I . -25.60 25.76 -14.90
O1 EDO I . -25.63 25.14 -16.18
C2 EDO I . -24.39 25.28 -14.12
O2 EDO I . -24.42 25.82 -12.79
#